data_8F7X
#
_entry.id   8F7X
#
_cell.length_a   1.00
_cell.length_b   1.00
_cell.length_c   1.00
_cell.angle_alpha   90.00
_cell.angle_beta   90.00
_cell.angle_gamma   90.00
#
_symmetry.space_group_name_H-M   'P 1'
#
loop_
_entity.id
_entity.type
_entity.pdbx_description
1 polymer 'Nociceptin receptor'
2 polymer Nociceptin
3 polymer 'Guanine nucleotide-binding protein G(i) subunit alpha-1'
4 polymer 'Guanine nucleotide-binding protein G(I)/G(S)/G(T) subunit beta-1'
5 polymer 'Guanine nucleotide-binding protein G(I)/G(S)/G(O) subunit gamma-2'
6 polymer scFv16
#
loop_
_entity_poly.entity_id
_entity_poly.type
_entity_poly.pdbx_seq_one_letter_code
_entity_poly.pdbx_strand_id
1 'polypeptide(L)'
;EPLFPAPFWEVIYGSHLQGNLSLLSPNHSLLPPHLLLNASHGAFLPLGLKVTIVGLYLAVCVGGLLGNCLVMYVILRHTK
MKTATNIYIFNLALADTLVLLTLPFQGTDILLGFWPFGNALCKTVIAIDYYNMFTSTFTLTAMSVDRYVAICHPIRALDV
RTSSKAQAVNVAIWALASVVGVPVAIMGSAQVEDEEIECLVEIPTPQDYWGPVFAICIFLFSFIVPVLVISVCYSLMIRR
LRGVRLLSGSREKDRNLRRITRLVLVVVAVFVGCWTPVQVFVLAQGLGVQPSSETAVAILRFCTALGYVNSCLNPILYAF
LDENFKACFRKFCCASALRRDVQVSDRVRSIAKDVALACKTSETVPRPA
;
R
2 'polypeptide(L)' FGGFTGARKSARKL P
3 'polypeptide(L)'
;MGCTLSAEDKAAVERSKMIDRNLREDGEKAAREVKLLLLGAGESGKSTIVKQMKIIHEAGYSEEECKQYKAVVYSNTIQS
IIAIIRAMGRLKIDFGDSARADDARQLFVLAGAAEEGFMTAELAGVIKRLWKDSGVQACFNRSREYQLNDSAAYYLNDLD
RIAQPNYIPTQQDVLRTRVKTTGIVETHFTFKDLHFKMFDVGAQRSERKKWIHCFEGVTAIIFCVALSDYDLVLAEDEEM
NRMHESMKLFDSICNNKWFTDTSIILFLNKKDLFEEKIKKSPLTICYPEYAGSNTYEEAAAYIQCQFEDLNKRKDTKEIY
THFTCSTDTKNVQFVFDAVTDVIIKNNLKDCGLF
;
A
4 'polypeptide(L)'
;MHHHHHHHHGSLLQSELDQLRQEAEQLKNQIRDARKACADATLSQITNNIDPVGRIQMRTRRTLRGHLAKIYAMHWGTDS
RLLVSASQDGKLIIWDSYTTNKVHAIPLRSSWVMTCAYAPSGNYVACGGLDNICSIYNLKTREGNVRVSRELAGHTGYLS
CCRFLDDNQIVTSSGDTTCALWDIETGQQTTTFTGHTGDVMSLSLAPDTRLFVSGACDASAKLWDVREGMCRQTFTGHES
DINAICFFPNGNAFATGSDDATCRLFDLRADQELMTYSHDNIICGITSVSFSKSGRLLLAGYDDFNCNVWDALKADRAGV
LAGHDNRVSCLGVTDDGMAVATGSWDSFLKIWN
;
B
5 'polypeptide(L)' MASNNTASIAQARKLVEQLKMEANIDRIKVSKAAADLMAYCEAHAKEDPLLTPVPASENPFREKKFFC C
6 'polypeptide(L)'
;MVQLVESGGGLVQPGGSRKLSCSASGFAFSSFGMHWVRQAPEKGLEWVAYISSGSGTIYYADTVKGRFTISRDDPKNTLF
LQMTSLRSEDTAMYYCVRSIYYYGSSPFDFWGQGTTLTVSAGGGGSGGGGSGGGGSADIVMTQATSSVPVTPGESVSISC
RSSKSLLHSNGNTYLYWFLQRPGQSPQLLIYRMSNLASGVPDRFSGSGSGTAFTLTISRLEAEDVGVYYCMQHLEYPLTF
GAGTKLEL
;
E
#
# COMPACT_ATOMS: atom_id res chain seq x y z
N GLY A 48 -32.96 -42.19 31.52
CA GLY A 48 -32.78 -41.42 30.31
C GLY A 48 -31.32 -41.21 29.95
N LEU A 49 -30.61 -42.32 29.73
CA LEU A 49 -29.21 -42.26 29.32
C LEU A 49 -29.05 -41.63 27.94
N LYS A 50 -29.78 -42.19 26.96
CA LYS A 50 -29.77 -41.66 25.59
C LYS A 50 -30.19 -40.19 25.53
N VAL A 51 -31.17 -39.79 26.37
CA VAL A 51 -31.60 -38.40 26.43
C VAL A 51 -30.47 -37.50 26.92
N THR A 52 -29.72 -37.97 27.92
CA THR A 52 -28.57 -37.23 28.44
C THR A 52 -27.47 -37.10 27.38
N ILE A 53 -27.19 -38.19 26.65
CA ILE A 53 -26.18 -38.17 25.59
C ILE A 53 -26.57 -37.21 24.47
N VAL A 54 -27.84 -37.25 24.05
CA VAL A 54 -28.32 -36.35 22.99
C VAL A 54 -28.29 -34.89 23.46
N GLY A 55 -28.67 -34.64 24.72
CA GLY A 55 -28.59 -33.28 25.25
C GLY A 55 -27.17 -32.76 25.33
N LEU A 56 -26.22 -33.63 25.71
CA LEU A 56 -24.81 -33.27 25.69
C LEU A 56 -24.33 -32.96 24.28
N TYR A 57 -24.80 -33.74 23.30
CA TYR A 57 -24.48 -33.51 21.88
C TYR A 57 -24.97 -32.14 21.44
N LEU A 58 -26.23 -31.81 21.77
CA LEU A 58 -26.81 -30.50 21.45
C LEU A 58 -26.02 -29.36 22.09
N ALA A 59 -25.70 -29.47 23.39
CA ALA A 59 -24.99 -28.40 24.09
C ALA A 59 -23.60 -28.17 23.52
N VAL A 60 -22.84 -29.25 23.28
CA VAL A 60 -21.51 -29.15 22.69
C VAL A 60 -21.58 -28.59 21.27
N CYS A 61 -22.57 -29.03 20.49
CA CYS A 61 -22.74 -28.54 19.13
C CYS A 61 -23.07 -27.05 19.08
N VAL A 62 -23.99 -26.60 19.94
CA VAL A 62 -24.39 -25.19 19.97
C VAL A 62 -23.22 -24.31 20.40
N GLY A 63 -22.51 -24.70 21.47
CA GLY A 63 -21.37 -23.91 21.92
C GLY A 63 -20.24 -23.84 20.90
N GLY A 64 -19.90 -24.99 20.30
CA GLY A 64 -18.86 -25.02 19.29
C GLY A 64 -19.22 -24.24 18.04
N LEU A 65 -20.48 -24.37 17.58
CA LEU A 65 -20.93 -23.60 16.42
C LEU A 65 -20.90 -22.11 16.69
N LEU A 66 -21.32 -21.69 17.88
CA LEU A 66 -21.29 -20.26 18.22
C LEU A 66 -19.87 -19.72 18.21
N GLY A 67 -18.94 -20.45 18.85
CA GLY A 67 -17.55 -20.01 18.87
C GLY A 67 -16.91 -20.00 17.49
N ASN A 68 -17.16 -21.06 16.70
CA ASN A 68 -16.59 -21.14 15.37
C ASN A 68 -17.14 -20.08 14.43
N CYS A 69 -18.45 -19.80 14.48
CA CYS A 69 -19.02 -18.74 13.65
C CYS A 69 -18.47 -17.37 14.03
N LEU A 70 -18.26 -17.11 15.33
CA LEU A 70 -17.65 -15.85 15.75
C LEU A 70 -16.22 -15.71 15.21
N VAL A 71 -15.41 -16.78 15.35
CA VAL A 71 -14.03 -16.75 14.87
C VAL A 71 -13.96 -16.58 13.36
N MET A 72 -14.79 -17.33 12.62
CA MET A 72 -14.85 -17.21 11.16
C MET A 72 -15.24 -15.82 10.70
N TYR A 73 -16.35 -15.28 11.23
CA TYR A 73 -16.82 -13.96 10.80
C TYR A 73 -15.82 -12.86 11.13
N VAL A 74 -15.24 -12.89 12.34
CA VAL A 74 -14.28 -11.86 12.74
C VAL A 74 -13.01 -11.92 11.89
N ILE A 75 -12.47 -13.12 11.66
CA ILE A 75 -11.27 -13.24 10.84
C ILE A 75 -11.55 -12.87 9.38
N LEU A 76 -12.73 -13.27 8.87
CA LEU A 76 -13.07 -13.00 7.47
C LEU A 76 -13.24 -11.52 7.19
N ARG A 77 -13.93 -10.78 8.06
CA ARG A 77 -14.16 -9.36 7.76
C ARG A 77 -13.64 -8.40 8.81
N HIS A 78 -13.87 -8.66 10.10
CA HIS A 78 -13.55 -7.70 11.15
C HIS A 78 -12.06 -7.40 11.28
N THR A 79 -11.21 -8.44 11.24
CA THR A 79 -9.77 -8.23 11.41
C THR A 79 -9.15 -7.44 10.27
N LYS A 80 -9.50 -7.77 9.01
CA LYS A 80 -9.01 -7.11 7.79
C LYS A 80 -7.47 -7.15 7.72
N MET A 81 -6.91 -8.30 8.08
CA MET A 81 -5.46 -8.50 8.04
C MET A 81 -5.17 -9.80 7.31
N LYS A 82 -4.19 -9.78 6.42
CA LYS A 82 -3.82 -10.94 5.61
C LYS A 82 -2.49 -11.51 6.10
N THR A 83 -2.57 -12.57 6.89
CA THR A 83 -1.39 -13.30 7.38
C THR A 83 -1.69 -14.79 7.26
N ALA A 84 -0.61 -15.58 7.30
CA ALA A 84 -0.74 -17.04 7.18
C ALA A 84 -1.50 -17.65 8.35
N THR A 85 -1.20 -17.19 9.58
CA THR A 85 -1.81 -17.74 10.79
C THR A 85 -3.31 -17.57 10.79
N ASN A 86 -3.80 -16.41 10.34
CA ASN A 86 -5.24 -16.18 10.21
C ASN A 86 -5.88 -17.17 9.24
N ILE A 87 -5.21 -17.46 8.12
CA ILE A 87 -5.73 -18.42 7.14
C ILE A 87 -5.80 -19.82 7.75
N TYR A 88 -4.77 -20.23 8.51
CA TYR A 88 -4.79 -21.53 9.17
C TYR A 88 -5.91 -21.63 10.21
N ILE A 89 -6.07 -20.58 11.03
CA ILE A 89 -7.13 -20.58 12.04
C ILE A 89 -8.51 -20.59 11.39
N PHE A 90 -8.68 -19.83 10.30
CA PHE A 90 -9.95 -19.80 9.57
C PHE A 90 -10.27 -21.17 8.97
N ASN A 91 -9.26 -21.84 8.40
CA ASN A 91 -9.44 -23.18 7.86
C ASN A 91 -9.83 -24.16 8.95
N LEU A 92 -9.20 -24.05 10.13
CA LEU A 92 -9.51 -24.92 11.25
C LEU A 92 -10.93 -24.71 11.75
N ALA A 93 -11.33 -23.44 11.89
CA ALA A 93 -12.69 -23.11 12.34
C ALA A 93 -13.74 -23.58 11.35
N LEU A 94 -13.49 -23.41 10.04
CA LEU A 94 -14.41 -23.91 9.02
C LEU A 94 -14.54 -25.42 9.06
N ALA A 95 -13.41 -26.12 9.23
CA ALA A 95 -13.43 -27.57 9.36
C ALA A 95 -14.19 -28.00 10.61
N ASP A 96 -14.02 -27.28 11.72
CA ASP A 96 -14.75 -27.57 12.95
C ASP A 96 -16.26 -27.37 12.77
N THR A 97 -16.67 -26.31 12.06
CA THR A 97 -18.09 -26.08 11.80
C THR A 97 -18.69 -27.21 10.97
N LEU A 98 -17.96 -27.63 9.93
CA LEU A 98 -18.41 -28.74 9.09
C LEU A 98 -18.47 -30.05 9.89
N VAL A 99 -17.54 -30.25 10.83
CA VAL A 99 -17.59 -31.40 11.73
C VAL A 99 -18.85 -31.36 12.60
N LEU A 100 -19.12 -30.20 13.22
CA LEU A 100 -20.28 -30.05 14.09
C LEU A 100 -21.61 -30.10 13.36
N LEU A 101 -21.62 -29.99 12.04
CA LEU A 101 -22.87 -30.19 11.29
C LEU A 101 -23.38 -31.63 11.42
N THR A 102 -22.47 -32.59 11.59
CA THR A 102 -22.82 -34.02 11.65
C THR A 102 -23.70 -34.36 12.86
N LEU A 103 -23.45 -33.72 14.00
CA LEU A 103 -24.10 -34.10 15.27
C LEU A 103 -25.64 -34.03 15.31
N PRO A 104 -26.35 -32.99 14.77
CA PRO A 104 -27.82 -33.05 14.77
C PRO A 104 -28.45 -34.28 14.12
N PHE A 105 -27.79 -34.90 13.14
CA PHE A 105 -28.36 -36.09 12.51
C PHE A 105 -28.05 -37.33 13.34
N GLN A 106 -26.87 -37.38 13.96
CA GLN A 106 -26.51 -38.50 14.83
C GLN A 106 -27.41 -38.56 16.06
N GLY A 107 -27.67 -37.40 16.68
CA GLY A 107 -28.61 -37.35 17.81
C GLY A 107 -29.98 -37.91 17.48
N THR A 108 -30.53 -37.53 16.32
CA THR A 108 -31.81 -38.07 15.87
C THR A 108 -31.72 -39.56 15.57
N ASP A 109 -30.58 -40.01 15.03
CA ASP A 109 -30.35 -41.44 14.81
C ASP A 109 -30.42 -42.22 16.13
N ILE A 110 -29.77 -41.71 17.17
CA ILE A 110 -29.80 -42.36 18.48
C ILE A 110 -31.20 -42.34 19.09
N LEU A 111 -31.90 -41.21 18.98
CA LEU A 111 -33.26 -41.11 19.54
C LEU A 111 -34.24 -42.03 18.82
N LEU A 112 -34.24 -42.02 17.49
CA LEU A 112 -35.17 -42.86 16.73
C LEU A 112 -34.76 -44.32 16.74
N GLY A 113 -33.49 -44.63 16.96
CA GLY A 113 -33.01 -45.99 16.93
C GLY A 113 -32.75 -46.56 15.56
N PHE A 114 -32.92 -45.76 14.50
CA PHE A 114 -32.66 -46.18 13.13
C PHE A 114 -32.37 -44.94 12.31
N TRP A 115 -32.05 -45.15 11.04
CA TRP A 115 -31.67 -44.07 10.14
C TRP A 115 -32.76 -43.86 9.08
N PRO A 116 -33.60 -42.83 9.21
CA PRO A 116 -34.65 -42.59 8.21
C PRO A 116 -34.27 -41.57 7.13
N PHE A 117 -33.07 -41.00 7.20
CA PHE A 117 -32.65 -39.97 6.26
C PHE A 117 -32.50 -40.53 4.84
N GLY A 118 -32.01 -41.75 4.70
CA GLY A 118 -31.80 -42.39 3.41
C GLY A 118 -30.35 -42.69 3.17
N ASN A 119 -30.07 -43.18 1.95
CA ASN A 119 -28.72 -43.62 1.59
C ASN A 119 -27.83 -42.44 1.24
N ALA A 120 -28.34 -41.51 0.42
CA ALA A 120 -27.58 -40.34 -0.01
C ALA A 120 -27.13 -39.48 1.17
N LEU A 121 -28.07 -39.18 2.08
CA LEU A 121 -27.72 -38.42 3.28
C LEU A 121 -26.74 -39.17 4.18
N CYS A 122 -26.88 -40.51 4.26
CA CYS A 122 -25.91 -41.35 4.99
C CYS A 122 -24.50 -41.20 4.42
N LYS A 123 -24.40 -41.17 3.08
CA LYS A 123 -23.10 -41.06 2.44
C LYS A 123 -22.53 -39.66 2.62
N THR A 124 -23.39 -38.65 2.53
CA THR A 124 -22.97 -37.26 2.73
C THR A 124 -22.47 -37.02 4.15
N VAL A 125 -23.18 -37.56 5.15
CA VAL A 125 -22.77 -37.44 6.55
C VAL A 125 -21.43 -38.11 6.81
N ILE A 126 -21.28 -39.36 6.36
CA ILE A 126 -20.02 -40.10 6.57
C ILE A 126 -18.86 -39.41 5.87
N ALA A 127 -19.07 -38.94 4.64
CA ALA A 127 -18.02 -38.27 3.87
C ALA A 127 -17.61 -36.95 4.52
N ILE A 128 -18.58 -36.13 4.90
CA ILE A 128 -18.29 -34.82 5.50
C ILE A 128 -17.62 -34.98 6.86
N ASP A 129 -17.96 -36.04 7.61
CA ASP A 129 -17.42 -36.18 8.96
C ASP A 129 -15.98 -36.68 8.90
N TYR A 130 -15.72 -37.75 8.13
CA TYR A 130 -14.36 -38.29 8.06
C TYR A 130 -13.43 -37.34 7.33
N TYR A 131 -13.92 -36.72 6.26
CA TYR A 131 -13.18 -35.75 5.47
C TYR A 131 -12.75 -34.54 6.29
N ASN A 132 -13.70 -33.94 7.02
CA ASN A 132 -13.39 -32.76 7.82
C ASN A 132 -12.53 -33.09 9.03
N MET A 133 -12.72 -34.28 9.63
CA MET A 133 -11.83 -34.74 10.70
C MET A 133 -10.37 -34.79 10.23
N PHE A 134 -10.12 -35.54 9.14
CA PHE A 134 -8.80 -35.62 8.54
C PHE A 134 -8.24 -34.25 8.19
N THR A 135 -9.10 -33.37 7.65
CA THR A 135 -8.67 -32.01 7.29
C THR A 135 -8.24 -31.23 8.52
N SER A 136 -8.97 -31.37 9.63
CA SER A 136 -8.63 -30.72 10.89
C SER A 136 -7.28 -31.20 11.42
N THR A 137 -7.13 -32.53 11.54
CA THR A 137 -5.88 -33.15 11.99
C THR A 137 -4.66 -32.69 11.19
N PHE A 138 -4.73 -32.79 9.85
CA PHE A 138 -3.61 -32.33 9.02
C PHE A 138 -3.41 -30.81 9.09
N THR A 139 -4.48 -30.03 9.28
CA THR A 139 -4.33 -28.59 9.44
C THR A 139 -3.57 -28.25 10.71
N LEU A 140 -3.87 -28.96 11.80
CA LEU A 140 -3.13 -28.77 13.07
C LEU A 140 -1.67 -29.17 12.91
N THR A 141 -1.41 -30.28 12.20
CA THR A 141 -0.04 -30.71 11.94
C THR A 141 0.72 -29.67 11.11
N ALA A 142 0.04 -29.10 10.10
CA ALA A 142 0.64 -28.05 9.28
C ALA A 142 0.96 -26.80 10.09
N MET A 143 0.07 -26.44 11.02
CA MET A 143 0.33 -25.29 11.90
C MET A 143 1.55 -25.53 12.79
N SER A 144 1.69 -26.74 13.33
CA SER A 144 2.85 -27.08 14.15
C SER A 144 4.14 -27.04 13.34
N VAL A 145 4.11 -27.59 12.12
CA VAL A 145 5.28 -27.56 11.24
C VAL A 145 5.63 -26.13 10.84
N ASP A 146 4.61 -25.30 10.57
CA ASP A 146 4.80 -23.89 10.24
C ASP A 146 5.50 -23.14 11.38
N ARG A 147 5.01 -23.32 12.61
CA ARG A 147 5.64 -22.68 13.77
C ARG A 147 7.06 -23.17 13.99
N TYR A 148 7.30 -24.48 13.79
CA TYR A 148 8.65 -25.04 13.93
C TYR A 148 9.62 -24.45 12.92
N VAL A 149 9.19 -24.33 11.65
CA VAL A 149 10.02 -23.73 10.61
C VAL A 149 10.26 -22.25 10.90
N ALA A 150 9.22 -21.56 11.41
CA ALA A 150 9.33 -20.14 11.75
C ALA A 150 10.35 -19.90 12.85
N ILE A 151 10.35 -20.73 13.89
CA ILE A 151 11.15 -20.45 15.08
C ILE A 151 12.55 -21.03 14.98
N CYS A 152 12.67 -22.32 14.58
CA CYS A 152 13.97 -22.98 14.54
C CYS A 152 14.87 -22.42 13.43
N HIS A 153 14.30 -22.09 12.27
CA HIS A 153 15.06 -21.61 11.12
C HIS A 153 14.53 -20.25 10.69
N PRO A 154 14.94 -19.18 11.38
CA PRO A 154 14.37 -17.85 11.11
C PRO A 154 14.83 -17.22 9.81
N ILE A 155 16.00 -17.61 9.29
CA ILE A 155 16.55 -16.96 8.09
C ILE A 155 15.74 -17.34 6.86
N ARG A 156 15.39 -18.62 6.72
CA ARG A 156 14.57 -19.08 5.62
C ARG A 156 13.08 -19.04 5.92
N ALA A 157 12.69 -18.61 7.13
CA ALA A 157 11.27 -18.51 7.46
C ALA A 157 10.57 -17.43 6.65
N LEU A 158 11.26 -16.30 6.43
CA LEU A 158 10.74 -15.12 5.72
C LEU A 158 10.08 -15.44 4.39
N ASP A 159 10.83 -15.99 3.43
CA ASP A 159 10.26 -16.29 2.11
C ASP A 159 9.26 -17.44 2.16
N VAL A 160 9.52 -18.46 2.98
CA VAL A 160 8.66 -19.64 3.04
C VAL A 160 7.26 -19.28 3.56
N ARG A 161 7.19 -18.42 4.59
CA ARG A 161 5.90 -18.07 5.16
C ARG A 161 5.31 -16.91 4.34
N THR A 162 4.13 -17.13 3.79
CA THR A 162 3.40 -16.19 2.94
C THR A 162 1.95 -16.66 2.97
N SER A 163 1.01 -15.73 2.73
CA SER A 163 -0.40 -16.07 2.73
C SER A 163 -0.76 -17.00 1.58
N SER A 164 -0.28 -16.68 0.36
CA SER A 164 -0.57 -17.50 -0.81
C SER A 164 0.03 -18.90 -0.68
N LYS A 165 1.26 -19.00 -0.17
CA LYS A 165 1.90 -20.30 0.04
C LYS A 165 1.15 -21.14 1.07
N ALA A 166 0.73 -20.51 2.17
CA ALA A 166 -0.06 -21.21 3.19
C ALA A 166 -1.40 -21.67 2.63
N GLN A 167 -2.03 -20.83 1.79
CA GLN A 167 -3.27 -21.21 1.13
C GLN A 167 -3.07 -22.41 0.20
N ALA A 168 -1.94 -22.42 -0.53
CA ALA A 168 -1.62 -23.56 -1.40
C ALA A 168 -1.42 -24.84 -0.60
N VAL A 169 -0.74 -24.73 0.55
CA VAL A 169 -0.56 -25.88 1.44
C VAL A 169 -1.91 -26.37 1.96
N ASN A 170 -2.81 -25.44 2.30
CA ASN A 170 -4.15 -25.81 2.75
C ASN A 170 -4.94 -26.53 1.65
N VAL A 171 -4.83 -26.05 0.40
CA VAL A 171 -5.49 -26.70 -0.74
C VAL A 171 -4.95 -28.11 -0.92
N ALA A 172 -3.64 -28.29 -0.73
CA ALA A 172 -3.03 -29.61 -0.78
C ALA A 172 -3.60 -30.53 0.31
N ILE A 173 -3.75 -29.99 1.54
CA ILE A 173 -4.36 -30.73 2.65
C ILE A 173 -5.77 -31.19 2.30
N TRP A 174 -6.59 -30.29 1.73
CA TRP A 174 -7.96 -30.66 1.34
C TRP A 174 -7.95 -31.73 0.24
N ALA A 175 -7.04 -31.62 -0.73
CA ALA A 175 -6.93 -32.63 -1.78
C ALA A 175 -6.55 -34.01 -1.24
N LEU A 176 -5.56 -34.04 -0.32
CA LEU A 176 -5.16 -35.29 0.33
C LEU A 176 -6.29 -35.88 1.14
N ALA A 177 -7.08 -35.03 1.80
CA ALA A 177 -8.26 -35.49 2.52
C ALA A 177 -9.29 -36.08 1.56
N SER A 178 -9.45 -35.47 0.38
CA SER A 178 -10.40 -35.97 -0.62
C SER A 178 -10.02 -37.36 -1.13
N VAL A 179 -8.72 -37.59 -1.32
CA VAL A 179 -8.20 -38.87 -1.82
C VAL A 179 -8.59 -40.02 -0.90
N VAL A 180 -8.53 -39.79 0.41
CA VAL A 180 -8.95 -40.82 1.36
C VAL A 180 -10.47 -40.86 1.46
N GLY A 181 -11.10 -39.69 1.63
CA GLY A 181 -12.54 -39.50 1.71
C GLY A 181 -13.45 -40.18 0.70
N VAL A 182 -13.10 -40.18 -0.58
CA VAL A 182 -14.02 -40.66 -1.62
C VAL A 182 -14.31 -42.17 -1.58
N PRO A 183 -13.33 -43.10 -1.46
CA PRO A 183 -13.72 -44.53 -1.39
C PRO A 183 -14.54 -44.91 -0.17
N VAL A 184 -14.22 -44.35 0.99
CA VAL A 184 -14.98 -44.59 2.22
C VAL A 184 -16.42 -44.10 2.05
N ALA A 185 -16.58 -42.95 1.40
CA ALA A 185 -17.90 -42.41 1.08
C ALA A 185 -18.67 -43.34 0.16
N ILE A 186 -17.97 -43.96 -0.80
CA ILE A 186 -18.60 -44.90 -1.72
C ILE A 186 -19.10 -46.13 -0.96
N MET A 187 -18.20 -46.78 -0.20
CA MET A 187 -18.53 -48.00 0.54
C MET A 187 -19.70 -47.85 1.51
N GLY A 188 -19.77 -46.72 2.22
CA GLY A 188 -20.80 -46.48 3.23
C GLY A 188 -22.23 -46.44 2.72
N SER A 189 -23.16 -47.08 3.42
CA SER A 189 -24.55 -47.14 2.97
C SER A 189 -25.46 -47.47 4.15
N ALA A 190 -26.77 -47.43 3.87
CA ALA A 190 -27.79 -47.75 4.85
C ALA A 190 -28.39 -49.11 4.50
N GLN A 191 -28.44 -50.00 5.49
CA GLN A 191 -28.94 -51.36 5.31
C GLN A 191 -30.15 -51.59 6.18
N VAL A 192 -31.20 -52.19 5.61
CA VAL A 192 -32.41 -52.54 6.34
C VAL A 192 -32.76 -54.03 6.09
N GLU A 193 -32.12 -54.90 6.86
CA GLU A 193 -32.37 -56.33 6.70
C GLU A 193 -33.69 -56.76 7.36
N ASP A 194 -33.93 -56.33 8.60
CA ASP A 194 -35.08 -56.78 9.40
C ASP A 194 -35.80 -55.57 10.00
N GLU A 195 -36.21 -54.65 9.12
CA GLU A 195 -37.08 -53.49 9.39
C GLU A 195 -36.33 -52.42 10.22
N GLU A 196 -35.02 -52.57 10.38
CA GLU A 196 -34.21 -51.60 11.10
C GLU A 196 -33.13 -51.08 10.15
N ILE A 197 -33.07 -49.76 9.98
CA ILE A 197 -32.19 -49.14 9.00
C ILE A 197 -30.96 -48.62 9.73
N GLU A 198 -29.78 -49.09 9.33
CA GLU A 198 -28.54 -48.66 9.97
C GLU A 198 -27.57 -48.10 8.93
N CYS A 199 -27.02 -46.93 9.23
CA CYS A 199 -26.07 -46.21 8.40
C CYS A 199 -24.66 -46.60 8.81
N LEU A 200 -23.98 -47.38 7.97
CA LEU A 200 -22.65 -47.85 8.34
C LEU A 200 -21.79 -48.07 7.09
N VAL A 201 -20.48 -48.07 7.31
CA VAL A 201 -19.51 -48.33 6.24
C VAL A 201 -19.49 -49.83 5.95
N GLU A 202 -19.43 -50.19 4.68
CA GLU A 202 -19.40 -51.60 4.27
C GLU A 202 -17.97 -52.04 4.03
N ILE A 203 -17.57 -53.10 4.71
CA ILE A 203 -16.23 -53.68 4.56
C ILE A 203 -16.28 -54.69 3.42
N PRO A 204 -15.40 -54.58 2.42
CA PRO A 204 -15.41 -55.55 1.32
C PRO A 204 -15.00 -56.94 1.76
N THR A 205 -15.62 -57.94 1.11
CA THR A 205 -15.38 -59.34 1.41
C THR A 205 -13.94 -59.71 1.04
N PRO A 206 -13.21 -60.45 1.91
CA PRO A 206 -13.52 -60.83 3.30
C PRO A 206 -13.39 -59.70 4.31
N GLN A 207 -14.37 -59.62 5.23
CA GLN A 207 -14.35 -58.58 6.27
C GLN A 207 -13.19 -58.79 7.24
N ASP A 208 -12.94 -60.05 7.62
CA ASP A 208 -11.94 -60.41 8.64
C ASP A 208 -10.51 -59.99 8.26
N TYR A 209 -10.23 -59.77 6.97
CA TYR A 209 -8.91 -59.34 6.53
C TYR A 209 -8.87 -57.88 6.13
N TRP A 210 -9.82 -57.42 5.30
CA TRP A 210 -9.84 -56.04 4.85
C TRP A 210 -10.14 -55.06 5.98
N GLY A 211 -11.05 -55.42 6.88
CA GLY A 211 -11.43 -54.57 7.99
C GLY A 211 -10.34 -54.18 8.99
N PRO A 212 -9.56 -55.15 9.50
CA PRO A 212 -8.44 -54.77 10.38
C PRO A 212 -7.36 -53.95 9.69
N VAL A 213 -7.04 -54.24 8.43
CA VAL A 213 -6.05 -53.45 7.69
C VAL A 213 -6.52 -52.00 7.52
N PHE A 214 -7.80 -51.84 7.17
CA PHE A 214 -8.45 -50.53 7.07
C PHE A 214 -8.37 -49.76 8.38
N ALA A 215 -8.76 -50.42 9.48
CA ALA A 215 -8.73 -49.79 10.80
C ALA A 215 -7.31 -49.41 11.23
N ILE A 216 -6.33 -50.28 10.99
CA ILE A 216 -4.94 -50.01 11.34
C ILE A 216 -4.39 -48.82 10.54
N CYS A 217 -4.69 -48.77 9.23
CA CYS A 217 -4.24 -47.64 8.42
C CYS A 217 -4.85 -46.33 8.87
N ILE A 218 -6.17 -46.33 9.19
CA ILE A 218 -6.81 -45.13 9.70
C ILE A 218 -6.22 -44.72 11.04
N PHE A 219 -5.94 -45.70 11.91
CA PHE A 219 -5.35 -45.43 13.22
C PHE A 219 -3.95 -44.82 13.09
N LEU A 220 -3.11 -45.39 12.23
CA LEU A 220 -1.74 -44.92 12.07
C LEU A 220 -1.71 -43.50 11.48
N PHE A 221 -2.43 -43.27 10.37
CA PHE A 221 -2.41 -41.97 9.73
C PHE A 221 -3.07 -40.90 10.60
N SER A 222 -4.19 -41.23 11.26
CA SER A 222 -4.87 -40.24 12.08
C SER A 222 -4.12 -39.91 13.36
N PHE A 223 -3.43 -40.89 13.96
CA PHE A 223 -2.91 -40.69 15.31
C PHE A 223 -1.39 -40.69 15.41
N ILE A 224 -0.70 -41.72 14.86
CA ILE A 224 0.71 -41.93 15.17
C ILE A 224 1.59 -40.85 14.58
N VAL A 225 1.41 -40.55 13.29
CA VAL A 225 2.22 -39.55 12.60
C VAL A 225 1.99 -38.12 13.11
N PRO A 226 0.74 -37.59 13.27
CA PRO A 226 0.62 -36.20 13.75
C PRO A 226 1.09 -35.98 15.18
N VAL A 227 0.81 -36.91 16.09
CA VAL A 227 1.22 -36.77 17.48
C VAL A 227 2.75 -36.77 17.59
N LEU A 228 3.41 -37.66 16.85
CA LEU A 228 4.87 -37.72 16.84
C LEU A 228 5.49 -36.45 16.26
N VAL A 229 4.96 -35.98 15.12
CA VAL A 229 5.50 -34.77 14.48
C VAL A 229 5.30 -33.55 15.37
N ILE A 230 4.13 -33.44 16.00
CA ILE A 230 3.82 -32.30 16.86
C ILE A 230 4.70 -32.33 18.12
N SER A 231 4.88 -33.51 18.72
CA SER A 231 5.66 -33.61 19.94
C SER A 231 7.15 -33.35 19.69
N VAL A 232 7.70 -33.89 18.60
CA VAL A 232 9.11 -33.68 18.27
C VAL A 232 9.36 -32.21 17.92
N CYS A 233 8.49 -31.62 17.09
CA CYS A 233 8.67 -30.23 16.68
C CYS A 233 8.52 -29.27 17.84
N TYR A 234 7.51 -29.49 18.71
CA TYR A 234 7.33 -28.62 19.87
C TYR A 234 8.44 -28.78 20.89
N SER A 235 8.96 -30.01 21.08
CA SER A 235 10.09 -30.20 22.00
C SER A 235 11.34 -29.49 21.50
N LEU A 236 11.65 -29.62 20.20
CA LEU A 236 12.77 -28.90 19.62
C LEU A 236 12.56 -27.39 19.68
N MET A 237 11.32 -26.95 19.49
CA MET A 237 10.99 -25.52 19.58
C MET A 237 11.21 -24.97 20.99
N ILE A 238 10.79 -25.72 22.01
CA ILE A 238 10.98 -25.28 23.40
C ILE A 238 12.46 -25.24 23.75
N ARG A 239 13.23 -26.24 23.30
CA ARG A 239 14.67 -26.23 23.54
C ARG A 239 15.35 -25.08 22.80
N ARG A 240 14.91 -24.78 21.57
CA ARG A 240 15.45 -23.66 20.81
C ARG A 240 15.13 -22.32 21.46
N LEU A 241 13.90 -22.17 21.98
CA LEU A 241 13.53 -20.96 22.71
C LEU A 241 14.34 -20.79 23.99
N ARG A 242 14.61 -21.89 24.69
CA ARG A 242 15.54 -21.83 25.83
C ARG A 242 16.94 -21.41 25.38
N GLY A 243 17.36 -21.87 24.19
CA GLY A 243 18.65 -21.46 23.64
C GLY A 243 18.77 -19.97 23.41
N VAL A 244 17.66 -19.31 23.02
CA VAL A 244 17.67 -17.87 22.73
C VAL A 244 18.04 -17.08 23.97
N ARG A 245 18.97 -16.12 23.80
CA ARG A 245 19.46 -15.34 24.93
C ARG A 245 18.42 -14.33 25.40
N LEU A 246 17.51 -13.90 24.51
CA LEU A 246 16.50 -12.90 24.86
C LEU A 246 15.53 -13.43 25.91
N LEU A 247 15.07 -14.67 25.76
CA LEU A 247 14.10 -15.24 26.70
C LEU A 247 14.72 -15.50 28.06
N SER A 248 15.98 -15.90 28.10
CA SER A 248 16.66 -16.27 29.34
C SER A 248 17.40 -15.10 29.98
N GLY A 249 17.17 -13.88 29.50
CA GLY A 249 17.89 -12.72 30.00
C GLY A 249 17.57 -12.38 31.45
N SER A 250 16.29 -12.44 31.83
CA SER A 250 15.87 -12.04 33.16
C SER A 250 14.78 -12.97 33.67
N ARG A 251 14.49 -12.84 34.97
CA ARG A 251 13.53 -13.70 35.65
C ARG A 251 12.10 -13.52 35.11
N GLU A 252 11.71 -12.27 34.83
CA GLU A 252 10.37 -12.01 34.27
C GLU A 252 10.22 -12.61 32.87
N LYS A 253 11.24 -12.47 32.04
CA LYS A 253 11.24 -13.08 30.71
C LYS A 253 11.25 -14.60 30.82
N ASP A 254 12.00 -15.14 31.78
CA ASP A 254 11.98 -16.57 32.07
C ASP A 254 10.59 -17.04 32.48
N ARG A 255 9.87 -16.22 33.26
CA ARG A 255 8.50 -16.54 33.66
C ARG A 255 7.56 -16.55 32.44
N ASN A 256 7.75 -15.61 31.53
CA ASN A 256 6.96 -15.59 30.29
C ASN A 256 7.27 -16.84 29.44
N LEU A 257 8.55 -17.25 29.42
CA LEU A 257 8.93 -18.49 28.74
C LEU A 257 8.28 -19.72 29.39
N ARG A 258 8.22 -19.74 30.73
CA ARG A 258 7.48 -20.77 31.46
C ARG A 258 6.02 -20.83 31.03
N ARG A 259 5.37 -19.66 30.97
CA ARG A 259 3.99 -19.56 30.48
C ARG A 259 3.83 -20.15 29.07
N ILE A 260 4.76 -19.82 28.17
CA ILE A 260 4.71 -20.30 26.79
C ILE A 260 4.87 -21.82 26.73
N THR A 261 5.86 -22.35 27.47
CA THR A 261 6.11 -23.78 27.49
C THR A 261 4.94 -24.56 28.09
N ARG A 262 4.36 -24.01 29.18
CA ARG A 262 3.19 -24.63 29.79
C ARG A 262 1.99 -24.61 28.86
N LEU A 263 1.82 -23.53 28.10
CA LEU A 263 0.72 -23.44 27.11
C LEU A 263 0.87 -24.50 26.03
N VAL A 264 2.09 -24.67 25.50
CA VAL A 264 2.37 -25.69 24.49
C VAL A 264 2.08 -27.09 25.04
N LEU A 265 2.57 -27.36 26.26
CA LEU A 265 2.35 -28.65 26.90
C LEU A 265 0.87 -28.93 27.15
N VAL A 266 0.12 -27.90 27.55
CA VAL A 266 -1.33 -28.04 27.77
C VAL A 266 -2.04 -28.37 26.46
N VAL A 267 -1.66 -27.71 25.36
CA VAL A 267 -2.29 -27.96 24.06
C VAL A 267 -2.03 -29.41 23.60
N VAL A 268 -0.78 -29.86 23.72
CA VAL A 268 -0.43 -31.23 23.33
C VAL A 268 -1.14 -32.25 24.21
N ALA A 269 -1.20 -32.00 25.53
CA ALA A 269 -1.84 -32.92 26.45
C ALA A 269 -3.34 -33.03 26.19
N VAL A 270 -4.00 -31.90 25.94
CA VAL A 270 -5.43 -31.89 25.66
C VAL A 270 -5.74 -32.67 24.38
N PHE A 271 -4.94 -32.41 23.32
CA PHE A 271 -5.14 -33.09 22.03
C PHE A 271 -4.98 -34.61 22.17
N VAL A 272 -3.83 -35.04 22.70
CA VAL A 272 -3.52 -36.47 22.83
C VAL A 272 -4.52 -37.17 23.75
N GLY A 273 -4.83 -36.55 24.90
CA GLY A 273 -5.76 -37.16 25.85
C GLY A 273 -7.17 -37.28 25.30
N CYS A 274 -7.65 -36.24 24.59
CA CYS A 274 -8.99 -36.29 24.03
C CYS A 274 -9.10 -37.32 22.92
N TRP A 275 -8.10 -37.40 22.03
CA TRP A 275 -8.25 -38.31 20.89
C TRP A 275 -7.75 -39.72 21.14
N THR A 276 -7.10 -40.01 22.27
CA THR A 276 -6.65 -41.39 22.53
C THR A 276 -7.77 -42.43 22.70
N PRO A 277 -8.85 -42.22 23.50
CA PRO A 277 -9.86 -43.30 23.64
C PRO A 277 -10.62 -43.64 22.37
N VAL A 278 -10.95 -42.65 21.55
CA VAL A 278 -11.68 -42.90 20.30
C VAL A 278 -10.86 -43.79 19.37
N GLN A 279 -9.58 -43.48 19.23
CA GLN A 279 -8.68 -44.28 18.39
C GLN A 279 -8.51 -45.69 18.94
N VAL A 280 -8.41 -45.82 20.28
CA VAL A 280 -8.28 -47.14 20.91
C VAL A 280 -9.51 -47.99 20.64
N PHE A 281 -10.70 -47.44 20.92
CA PHE A 281 -11.95 -48.19 20.71
C PHE A 281 -12.17 -48.55 19.24
N VAL A 282 -11.87 -47.62 18.32
CA VAL A 282 -12.02 -47.91 16.89
C VAL A 282 -11.04 -49.01 16.45
N LEU A 283 -9.80 -48.98 16.96
CA LEU A 283 -8.85 -50.05 16.66
C LEU A 283 -9.30 -51.38 17.25
N ALA A 284 -10.02 -51.35 18.38
CA ALA A 284 -10.49 -52.58 18.98
C ALA A 284 -11.66 -53.16 18.20
N GLN A 285 -12.55 -52.29 17.72
CA GLN A 285 -13.61 -52.73 16.81
C GLN A 285 -13.02 -53.28 15.50
N GLY A 286 -11.95 -52.65 15.03
CA GLY A 286 -11.26 -53.13 13.84
C GLY A 286 -10.68 -54.51 14.00
N LEU A 287 -10.10 -54.81 15.18
CA LEU A 287 -9.53 -56.14 15.43
C LEU A 287 -10.56 -57.26 15.54
N GLY A 288 -11.85 -57.00 15.37
CA GLY A 288 -12.87 -58.03 15.45
C GLY A 288 -13.47 -58.26 16.81
N VAL A 289 -13.08 -57.48 17.82
CA VAL A 289 -13.75 -57.54 19.11
C VAL A 289 -15.18 -57.05 18.95
N GLN A 290 -16.13 -57.80 19.50
CA GLN A 290 -17.55 -57.50 19.32
C GLN A 290 -18.19 -57.23 20.68
N PRO A 291 -18.72 -56.02 20.92
CA PRO A 291 -19.39 -55.74 22.19
C PRO A 291 -20.71 -56.50 22.31
N SER A 292 -20.92 -57.11 23.48
CA SER A 292 -22.12 -57.88 23.76
C SER A 292 -23.02 -57.22 24.80
N SER A 293 -22.71 -55.99 25.20
CA SER A 293 -23.46 -55.31 26.25
C SER A 293 -23.80 -53.89 25.81
N GLU A 294 -24.89 -53.37 26.40
CA GLU A 294 -25.30 -51.99 26.17
C GLU A 294 -24.29 -51.00 26.74
N THR A 295 -23.65 -51.36 27.86
CA THR A 295 -22.69 -50.49 28.54
C THR A 295 -21.51 -50.14 27.64
N ALA A 296 -21.03 -51.10 26.85
CA ALA A 296 -19.95 -50.83 25.90
C ALA A 296 -20.37 -49.81 24.85
N VAL A 297 -21.61 -49.90 24.37
CA VAL A 297 -22.16 -48.91 23.45
C VAL A 297 -22.23 -47.54 24.11
N ALA A 298 -22.60 -47.51 25.39
CA ALA A 298 -22.63 -46.25 26.14
C ALA A 298 -21.24 -45.63 26.28
N ILE A 299 -20.23 -46.47 26.55
CA ILE A 299 -18.84 -46.00 26.57
C ILE A 299 -18.44 -45.45 25.20
N LEU A 300 -18.86 -46.11 24.13
CA LEU A 300 -18.58 -45.61 22.77
C LEU A 300 -19.21 -44.24 22.53
N ARG A 301 -20.45 -44.04 22.98
CA ARG A 301 -21.13 -42.75 22.85
C ARG A 301 -20.41 -41.65 23.63
N PHE A 302 -20.22 -41.86 24.94
CA PHE A 302 -19.49 -40.91 25.78
C PHE A 302 -18.09 -40.59 25.26
N CYS A 303 -17.34 -41.60 24.79
CA CYS A 303 -16.01 -41.35 24.24
C CYS A 303 -16.07 -40.58 22.92
N THR A 304 -17.10 -40.85 22.10
CA THR A 304 -17.33 -40.07 20.89
C THR A 304 -17.58 -38.60 21.22
N ALA A 305 -18.39 -38.35 22.25
CA ALA A 305 -18.63 -36.98 22.71
C ALA A 305 -17.36 -36.34 23.26
N LEU A 306 -16.53 -37.12 23.95
CA LEU A 306 -15.24 -36.65 24.45
C LEU A 306 -14.31 -36.29 23.31
N GLY A 307 -14.36 -37.05 22.21
CA GLY A 307 -13.62 -36.70 21.02
C GLY A 307 -14.07 -35.39 20.42
N TYR A 308 -15.39 -35.18 20.32
CA TYR A 308 -15.90 -33.90 19.81
C TYR A 308 -15.66 -32.73 20.76
N VAL A 309 -15.37 -32.99 22.04
CA VAL A 309 -15.01 -31.91 22.98
C VAL A 309 -13.75 -31.18 22.52
N ASN A 310 -12.75 -31.90 22.02
CA ASN A 310 -11.54 -31.25 21.51
C ASN A 310 -11.84 -30.43 20.27
N SER A 311 -12.69 -30.96 19.37
CA SER A 311 -13.03 -30.26 18.14
C SER A 311 -13.76 -28.94 18.42
N CYS A 312 -14.72 -28.95 19.35
CA CYS A 312 -15.37 -27.70 19.72
C CYS A 312 -14.42 -26.80 20.52
N LEU A 313 -13.51 -27.38 21.29
CA LEU A 313 -12.57 -26.61 22.10
C LEU A 313 -11.53 -25.87 21.26
N ASN A 314 -11.18 -26.40 20.07
CA ASN A 314 -10.09 -25.87 19.23
C ASN A 314 -10.05 -24.35 18.99
N PRO A 315 -11.15 -23.62 18.72
CA PRO A 315 -11.02 -22.15 18.60
C PRO A 315 -10.60 -21.48 19.89
N ILE A 316 -11.08 -21.95 21.04
CA ILE A 316 -10.65 -21.42 22.34
C ILE A 316 -9.16 -21.67 22.55
N LEU A 317 -8.70 -22.87 22.15
CA LEU A 317 -7.28 -23.23 22.29
C LEU A 317 -6.38 -22.38 21.40
N TYR A 318 -6.78 -22.13 20.15
CA TYR A 318 -5.88 -21.45 19.20
C TYR A 318 -6.19 -19.98 18.97
N ALA A 319 -7.43 -19.65 18.55
CA ALA A 319 -7.75 -18.29 18.14
C ALA A 319 -7.78 -17.33 19.32
N PHE A 320 -8.48 -17.70 20.40
CA PHE A 320 -8.70 -16.79 21.52
C PHE A 320 -7.41 -16.47 22.27
N LEU A 321 -6.53 -17.46 22.42
CA LEU A 321 -5.27 -17.23 23.13
C LEU A 321 -4.29 -16.39 22.31
N ASP A 322 -4.33 -16.51 20.97
CA ASP A 322 -3.52 -15.72 20.05
C ASP A 322 -3.62 -14.22 20.30
N GLU A 323 -2.46 -13.59 20.53
CA GLU A 323 -2.37 -12.18 20.91
C GLU A 323 -2.95 -11.24 19.86
N ASN A 324 -2.71 -11.53 18.57
CA ASN A 324 -3.25 -10.69 17.49
C ASN A 324 -4.77 -10.66 17.51
N PHE A 325 -5.40 -11.83 17.67
CA PHE A 325 -6.85 -11.91 17.79
C PHE A 325 -7.34 -11.19 19.04
N LYS A 326 -6.57 -11.27 20.13
CA LYS A 326 -6.92 -10.54 21.35
C LYS A 326 -6.88 -9.04 21.10
N ALA A 327 -5.89 -8.57 20.34
CA ALA A 327 -5.77 -7.16 19.99
C ALA A 327 -6.96 -6.71 19.17
N CYS A 328 -7.40 -7.55 18.23
CA CYS A 328 -8.61 -7.25 17.45
C CYS A 328 -9.84 -7.22 18.35
N PHE A 329 -9.91 -8.15 19.32
CA PHE A 329 -11.05 -8.24 20.24
C PHE A 329 -11.17 -7.01 21.13
N ARG A 330 -10.04 -6.51 21.65
CA ARG A 330 -10.04 -5.33 22.52
C ARG A 330 -10.60 -4.08 21.83
N LYS A 331 -10.27 -3.89 20.54
CA LYS A 331 -10.72 -2.71 19.81
C LYS A 331 -12.24 -2.64 19.70
N PHE A 332 -12.88 -3.77 19.43
CA PHE A 332 -14.34 -3.78 19.27
C PHE A 332 -14.91 -5.09 19.80
N PHE B 1 -16.76 -39.29 14.38
CA PHE B 1 -15.93 -40.45 14.07
C PHE B 1 -16.23 -41.58 15.06
N GLY B 2 -16.43 -42.78 14.51
CA GLY B 2 -16.73 -43.95 15.31
C GLY B 2 -18.20 -44.15 15.61
N GLY B 3 -19.06 -43.20 15.25
CA GLY B 3 -20.48 -43.36 15.45
C GLY B 3 -21.08 -44.41 14.54
N PHE B 4 -20.68 -44.42 13.28
CA PHE B 4 -21.22 -45.36 12.29
C PHE B 4 -20.29 -46.57 12.15
N THR B 5 -20.16 -47.29 13.25
CA THR B 5 -19.32 -48.49 13.32
C THR B 5 -20.10 -49.75 12.98
N GLY B 6 -21.36 -49.82 13.38
CA GLY B 6 -22.09 -51.07 13.41
C GLY B 6 -21.98 -51.84 14.72
N ALA B 7 -21.51 -51.19 15.78
CA ALA B 7 -21.45 -51.83 17.09
C ALA B 7 -22.84 -52.18 17.62
N ARG B 8 -23.83 -51.32 17.34
CA ARG B 8 -25.21 -51.56 17.74
C ARG B 8 -25.77 -52.81 17.07
N LYS B 9 -25.37 -53.07 15.82
CA LYS B 9 -25.77 -54.30 15.13
C LYS B 9 -25.25 -55.55 15.85
N SER B 10 -23.94 -55.58 16.13
CA SER B 10 -23.33 -56.67 16.89
C SER B 10 -23.97 -56.85 18.25
N ALA B 11 -24.29 -55.75 18.94
CA ALA B 11 -24.98 -55.82 20.23
C ALA B 11 -26.38 -56.42 20.08
N ARG B 12 -27.08 -56.06 19.01
CA ARG B 12 -28.43 -56.57 18.78
C ARG B 12 -28.42 -58.06 18.47
N LYS B 13 -27.47 -58.52 17.65
CA LYS B 13 -27.35 -59.94 17.35
C LYS B 13 -27.02 -60.75 18.60
N LEU B 14 -26.06 -60.28 19.39
CA LEU B 14 -25.65 -61.00 20.59
C LEU B 14 -26.36 -60.45 21.83
N THR C 4 -21.66 -3.53 -18.76
CA THR C 4 -21.79 -2.15 -18.33
C THR C 4 -20.45 -1.43 -18.35
N LEU C 5 -19.40 -2.14 -18.78
CA LEU C 5 -18.05 -1.60 -18.84
C LEU C 5 -17.58 -1.59 -20.28
N SER C 6 -17.00 -0.46 -20.70
CA SER C 6 -16.46 -0.35 -22.04
C SER C 6 -15.14 -1.10 -22.16
N ALA C 7 -14.72 -1.31 -23.41
CA ALA C 7 -13.48 -2.04 -23.69
C ALA C 7 -12.26 -1.32 -23.12
N GLU C 8 -12.23 0.02 -23.26
CA GLU C 8 -11.14 0.81 -22.71
C GLU C 8 -11.09 0.74 -21.19
N ASP C 9 -12.27 0.78 -20.55
CA ASP C 9 -12.34 0.67 -19.09
C ASP C 9 -11.87 -0.71 -18.62
N LYS C 10 -12.25 -1.78 -19.34
CA LYS C 10 -11.80 -3.12 -19.01
C LYS C 10 -10.29 -3.27 -19.19
N ALA C 11 -9.74 -2.68 -20.25
CA ALA C 11 -8.29 -2.68 -20.45
C ALA C 11 -7.58 -1.91 -19.34
N ALA C 12 -8.17 -0.80 -18.88
CA ALA C 12 -7.62 -0.06 -17.76
C ALA C 12 -7.64 -0.88 -16.47
N VAL C 13 -8.72 -1.64 -16.25
CA VAL C 13 -8.81 -2.52 -15.08
C VAL C 13 -7.74 -3.63 -15.16
N GLU C 14 -7.53 -4.18 -16.36
CA GLU C 14 -6.48 -5.19 -16.56
C GLU C 14 -5.09 -4.61 -16.30
N ARG C 15 -4.84 -3.38 -16.76
CA ARG C 15 -3.57 -2.71 -16.50
C ARG C 15 -3.38 -2.45 -15.01
N SER C 16 -4.46 -2.05 -14.32
CA SER C 16 -4.39 -1.84 -12.87
C SER C 16 -4.10 -3.14 -12.13
N LYS C 17 -4.69 -4.26 -12.58
CA LYS C 17 -4.40 -5.56 -11.99
C LYS C 17 -2.94 -5.95 -12.20
N MET C 18 -2.38 -5.66 -13.38
CA MET C 18 -0.97 -5.92 -13.62
C MET C 18 -0.06 -5.08 -12.73
N ILE C 19 -0.42 -3.79 -12.55
CA ILE C 19 0.31 -2.91 -11.63
C ILE C 19 0.23 -3.45 -10.19
N ASP C 20 -0.96 -3.91 -9.78
CA ASP C 20 -1.13 -4.49 -8.45
C ASP C 20 -0.27 -5.73 -8.25
N ARG C 21 -0.19 -6.58 -9.28
CA ARG C 21 0.66 -7.78 -9.21
C ARG C 21 2.14 -7.41 -9.10
N ASN C 22 2.59 -6.43 -9.88
CA ASN C 22 3.99 -5.99 -9.80
C ASN C 22 4.30 -5.36 -8.45
N LEU C 23 3.37 -4.57 -7.91
CA LEU C 23 3.54 -4.00 -6.57
C LEU C 23 3.58 -5.08 -5.49
N ARG C 24 2.76 -6.12 -5.62
CA ARG C 24 2.78 -7.22 -4.66
C ARG C 24 4.12 -7.95 -4.69
N GLU C 25 4.65 -8.20 -5.90
CA GLU C 25 5.96 -8.83 -6.03
C GLU C 25 7.07 -7.95 -5.45
N ASP C 26 7.00 -6.63 -5.71
CA ASP C 26 7.98 -5.70 -5.16
C ASP C 26 7.91 -5.64 -3.64
N GLY C 27 6.70 -5.70 -3.08
CA GLY C 27 6.54 -5.72 -1.63
C GLY C 27 7.10 -6.98 -1.00
N GLU C 28 6.85 -8.13 -1.64
CA GLU C 28 7.41 -9.40 -1.14
C GLU C 28 8.93 -9.39 -1.20
N LYS C 29 9.51 -8.83 -2.27
CA LYS C 29 10.97 -8.69 -2.33
C LYS C 29 11.49 -7.72 -1.28
N ALA C 30 10.79 -6.60 -1.06
CA ALA C 30 11.21 -5.58 -0.10
C ALA C 30 11.15 -6.07 1.34
N ALA C 31 10.18 -6.94 1.66
CA ALA C 31 10.02 -7.41 3.04
C ALA C 31 11.20 -8.24 3.52
N ARG C 32 11.86 -8.96 2.63
CA ARG C 32 12.92 -9.90 2.98
C ARG C 32 14.29 -9.26 3.22
N GLU C 33 14.42 -7.95 3.25
CA GLU C 33 15.72 -7.30 3.44
C GLU C 33 15.77 -6.56 4.77
N VAL C 34 16.91 -6.68 5.44
CA VAL C 34 17.11 -6.12 6.78
C VAL C 34 17.74 -4.74 6.66
N LYS C 35 17.09 -3.73 7.24
CA LYS C 35 17.54 -2.35 7.21
C LYS C 35 17.92 -1.88 8.60
N LEU C 36 19.15 -1.37 8.74
CA LEU C 36 19.65 -0.86 10.02
C LEU C 36 20.19 0.56 9.89
N LEU C 37 19.72 1.43 10.80
CA LEU C 37 20.25 2.77 10.94
C LEU C 37 21.60 2.75 11.66
N LEU C 38 22.53 3.59 11.19
CA LEU C 38 23.86 3.74 11.78
C LEU C 38 23.95 5.12 12.43
N LEU C 39 23.85 5.15 13.76
CA LEU C 39 24.01 6.39 14.51
C LEU C 39 25.42 6.43 15.09
N GLY C 40 25.73 7.54 15.77
CA GLY C 40 27.06 7.78 16.29
C GLY C 40 27.51 9.21 16.06
N ALA C 41 28.36 9.69 16.95
CA ALA C 41 29.00 10.99 16.77
C ALA C 41 29.95 10.99 15.58
N GLY C 42 30.26 12.19 15.09
CA GLY C 42 31.11 12.41 13.94
C GLY C 42 32.51 11.81 14.01
N GLU C 43 33.28 12.19 15.03
CA GLU C 43 34.65 11.73 15.19
C GLU C 43 34.77 10.31 15.73
N SER C 44 33.64 9.64 16.00
CA SER C 44 33.67 8.26 16.51
C SER C 44 34.30 7.30 15.52
N GLY C 45 34.02 7.45 14.23
CA GLY C 45 34.61 6.56 13.25
C GLY C 45 33.65 5.56 12.64
N LYS C 46 32.46 6.03 12.25
CA LYS C 46 31.47 5.15 11.61
C LYS C 46 31.95 4.68 10.23
N SER C 47 32.59 5.59 9.48
CA SER C 47 33.13 5.28 8.15
C SER C 47 34.12 4.12 8.20
N THR C 48 34.93 4.04 9.27
CA THR C 48 35.86 2.93 9.44
C THR C 48 35.11 1.60 9.56
N ILE C 49 34.01 1.59 10.33
CA ILE C 49 33.19 0.39 10.47
C ILE C 49 32.55 0.01 9.14
N VAL C 50 32.10 1.01 8.37
CA VAL C 50 31.53 0.78 7.04
C VAL C 50 32.57 0.14 6.11
N LYS C 51 33.78 0.70 6.09
CA LYS C 51 34.85 0.12 5.26
C LYS C 51 35.26 -1.27 5.73
N GLN C 52 35.18 -1.55 7.03
CA GLN C 52 35.46 -2.90 7.52
C GLN C 52 34.41 -3.91 7.06
N MET C 53 33.13 -3.55 7.18
CA MET C 53 32.07 -4.47 6.77
C MET C 53 32.05 -4.71 5.26
N LYS C 54 32.30 -3.66 4.47
CA LYS C 54 32.36 -3.82 3.03
C LYS C 54 33.64 -4.53 2.61
N THR C 182 25.75 12.72 -0.24
CA THR C 182 25.46 14.04 0.32
C THR C 182 24.29 13.97 1.29
N GLY C 183 23.13 13.58 0.80
CA GLY C 183 21.92 13.54 1.60
C GLY C 183 21.82 12.34 2.51
N ILE C 184 21.79 11.14 1.90
CA ILE C 184 21.67 9.89 2.65
C ILE C 184 22.61 8.86 2.05
N VAL C 185 23.38 8.20 2.91
CA VAL C 185 24.33 7.18 2.50
C VAL C 185 23.73 5.82 2.78
N GLU C 186 23.57 5.00 1.74
CA GLU C 186 23.02 3.66 1.86
C GLU C 186 24.07 2.66 1.40
N THR C 187 24.38 1.69 2.26
CA THR C 187 25.34 0.65 1.93
C THR C 187 24.67 -0.72 2.09
N HIS C 188 24.74 -1.54 1.05
CA HIS C 188 24.09 -2.85 1.07
C HIS C 188 25.12 -3.96 0.88
N PHE C 189 25.06 -4.96 1.75
CA PHE C 189 25.94 -6.12 1.67
C PHE C 189 25.16 -7.38 2.01
N THR C 190 25.68 -8.52 1.51
CA THR C 190 25.04 -9.82 1.71
C THR C 190 25.99 -10.70 2.52
N PHE C 191 25.52 -11.17 3.68
CA PHE C 191 26.26 -12.09 4.53
C PHE C 191 25.34 -13.21 4.97
N LYS C 192 25.77 -14.45 4.69
CA LYS C 192 25.04 -15.69 5.03
C LYS C 192 23.61 -15.68 4.48
N ASP C 193 23.50 -15.27 3.21
CA ASP C 193 22.23 -15.20 2.45
C ASP C 193 21.21 -14.30 3.15
N LEU C 194 21.67 -13.16 3.67
CA LEU C 194 20.79 -12.20 4.34
C LEU C 194 21.26 -10.80 3.96
N HIS C 195 20.37 -10.04 3.32
CA HIS C 195 20.73 -8.73 2.79
C HIS C 195 20.59 -7.66 3.86
N PHE C 196 21.63 -6.81 3.99
CA PHE C 196 21.66 -5.73 4.95
C PHE C 196 21.82 -4.41 4.21
N LYS C 197 20.97 -3.45 4.55
CA LYS C 197 21.08 -2.07 4.10
C LYS C 197 21.33 -1.19 5.32
N MET C 198 22.37 -0.37 5.25
CA MET C 198 22.83 0.48 6.33
C MET C 198 22.64 1.93 5.92
N PHE C 199 21.89 2.68 6.74
CA PHE C 199 21.61 4.08 6.45
C PHE C 199 22.45 4.98 7.36
N ASP C 200 23.08 6.00 6.78
CA ASP C 200 23.95 6.92 7.52
C ASP C 200 23.34 8.31 7.45
N VAL C 201 22.90 8.82 8.60
CA VAL C 201 22.27 10.13 8.70
C VAL C 201 23.23 11.18 9.26
N GLY C 202 24.52 10.89 9.32
CA GLY C 202 25.49 11.79 9.95
C GLY C 202 25.64 13.13 9.26
N ALA C 203 25.48 13.18 7.93
CA ALA C 203 25.74 14.38 7.15
C ALA C 203 24.80 15.53 7.52
N GLN C 204 23.50 15.25 7.65
CA GLN C 204 22.52 16.27 7.99
C GLN C 204 22.70 16.78 9.41
N ARG C 205 22.91 18.09 9.56
CA ARG C 205 23.08 18.73 10.86
C ARG C 205 21.83 19.49 11.30
N SER C 206 20.67 19.10 10.79
CA SER C 206 19.40 19.72 11.13
C SER C 206 18.84 19.10 12.42
N GLU C 207 17.64 19.54 12.79
CA GLU C 207 16.95 19.01 13.97
C GLU C 207 16.70 17.52 13.83
N ARG C 208 17.08 16.76 14.86
CA ARG C 208 17.06 15.30 14.79
C ARG C 208 15.68 14.70 15.01
N LYS C 209 14.75 15.44 15.64
CA LYS C 209 13.43 14.90 15.91
C LYS C 209 12.60 14.74 14.63
N LYS C 210 12.72 15.70 13.71
CA LYS C 210 11.88 15.75 12.51
C LYS C 210 12.03 14.52 11.62
N TRP C 211 13.21 13.89 11.62
CA TRP C 211 13.43 12.67 10.87
C TRP C 211 13.58 11.44 11.75
N ILE C 212 13.22 11.50 13.03
CA ILE C 212 13.45 10.33 13.89
C ILE C 212 12.23 9.42 13.88
N HIS C 213 11.22 9.77 13.06
CA HIS C 213 10.01 8.96 13.01
C HIS C 213 9.86 8.13 11.74
N CYS C 214 10.52 8.51 10.64
CA CYS C 214 10.53 7.65 9.46
C CYS C 214 11.32 6.37 9.70
N PHE C 215 12.30 6.40 10.60
CA PHE C 215 13.13 5.25 10.93
C PHE C 215 12.55 4.40 12.05
N GLU C 216 11.24 4.54 12.33
CA GLU C 216 10.59 3.78 13.40
C GLU C 216 10.68 2.27 13.15
N GLY C 217 10.45 1.85 11.91
CA GLY C 217 10.63 0.44 11.58
C GLY C 217 12.06 0.16 11.20
N VAL C 218 12.76 -0.58 12.06
CA VAL C 218 14.20 -0.84 11.89
C VAL C 218 14.54 -2.04 12.76
N THR C 219 15.46 -2.88 12.25
CA THR C 219 15.83 -4.09 12.96
C THR C 219 16.65 -3.77 14.22
N ALA C 220 17.67 -2.92 14.08
CA ALA C 220 18.53 -2.55 15.18
C ALA C 220 19.19 -1.22 14.87
N ILE C 221 19.77 -0.61 15.91
CA ILE C 221 20.51 0.64 15.77
C ILE C 221 21.97 0.36 16.11
N ILE C 222 22.84 0.39 15.11
CA ILE C 222 24.27 0.39 15.38
C ILE C 222 24.64 1.73 16.00
N PHE C 223 25.48 1.70 17.04
CA PHE C 223 25.86 2.91 17.74
C PHE C 223 27.35 2.82 18.05
N CYS C 224 28.15 3.61 17.33
CA CYS C 224 29.61 3.56 17.44
C CYS C 224 30.09 4.72 18.29
N VAL C 225 30.88 4.40 19.33
CA VAL C 225 31.41 5.40 20.26
C VAL C 225 32.92 5.27 20.26
N ALA C 226 33.61 6.40 20.07
CA ALA C 226 35.05 6.44 20.26
C ALA C 226 35.38 6.25 21.74
N LEU C 227 36.37 5.40 22.02
CA LEU C 227 36.74 5.09 23.39
C LEU C 227 37.98 5.85 23.86
N SER C 228 38.77 6.39 22.93
CA SER C 228 40.05 6.99 23.25
C SER C 228 39.95 8.48 23.55
N ASP C 229 38.75 9.04 23.61
CA ASP C 229 38.54 10.46 23.83
C ASP C 229 37.99 10.77 25.22
N TYR C 230 38.44 10.02 26.23
CA TYR C 230 38.00 10.27 27.60
C TYR C 230 38.56 11.59 28.14
N ASP C 231 39.84 11.87 27.88
CA ASP C 231 40.47 13.09 28.34
C ASP C 231 40.44 14.22 27.33
N LEU C 232 40.03 13.96 26.09
CA LEU C 232 39.95 15.02 25.09
C LEU C 232 38.80 15.97 25.40
N VAL C 233 39.05 17.26 25.21
CA VAL C 233 38.07 18.31 25.51
C VAL C 233 37.84 19.11 24.23
N LEU C 234 36.61 19.10 23.74
CA LEU C 234 36.22 19.84 22.55
C LEU C 234 35.17 20.88 22.92
N ALA C 235 35.41 22.13 22.53
CA ALA C 235 34.50 23.21 22.84
C ALA C 235 33.47 23.39 21.73
N GLU C 239 30.57 21.63 25.81
CA GLU C 239 30.62 20.45 26.66
C GLU C 239 32.04 20.18 27.16
N MET C 240 32.16 19.93 28.46
CA MET C 240 33.46 19.68 29.08
C MET C 240 34.10 18.39 28.57
N ASN C 241 33.32 17.33 28.42
CA ASN C 241 33.86 16.03 28.05
C ASN C 241 33.13 15.47 26.83
N ARG C 242 33.91 14.90 25.91
CA ARG C 242 33.37 14.23 24.73
C ARG C 242 32.53 13.02 25.11
N MET C 243 32.97 12.27 26.13
CA MET C 243 32.22 11.13 26.67
C MET C 243 30.80 11.52 27.08
N HIS C 244 30.66 12.69 27.71
CA HIS C 244 29.32 13.21 28.01
C HIS C 244 28.56 13.56 26.74
N GLU C 245 29.25 14.11 25.73
CA GLU C 245 28.62 14.40 24.43
C GLU C 245 28.16 13.13 23.70
N SER C 246 28.70 11.97 24.06
CA SER C 246 28.23 10.71 23.47
C SER C 246 27.18 10.01 24.33
N MET C 247 27.32 10.06 25.65
CA MET C 247 26.29 9.57 26.56
C MET C 247 24.98 10.34 26.40
N LYS C 248 25.07 11.64 26.12
CA LYS C 248 23.87 12.45 25.85
C LYS C 248 23.11 11.94 24.63
N LEU C 249 23.82 11.72 23.52
CA LEU C 249 23.22 11.13 22.33
C LEU C 249 22.64 9.75 22.60
N PHE C 250 23.35 8.92 23.37
CA PHE C 250 22.87 7.58 23.71
C PHE C 250 21.58 7.65 24.53
N ASP C 251 21.52 8.55 25.52
CA ASP C 251 20.31 8.75 26.31
C ASP C 251 19.16 9.27 25.45
N SER C 252 19.44 10.22 24.55
CA SER C 252 18.41 10.77 23.67
C SER C 252 17.83 9.72 22.74
N ILE C 253 18.67 8.83 22.21
CA ILE C 253 18.17 7.81 21.28
C ILE C 253 17.48 6.67 22.03
N CYS C 254 18.08 6.20 23.13
CA CYS C 254 17.56 5.04 23.85
C CYS C 254 16.20 5.31 24.48
N ASN C 255 16.05 6.46 25.13
CA ASN C 255 14.79 6.80 25.79
C ASN C 255 13.86 7.57 24.84
N ASN C 256 13.52 6.93 23.73
CA ASN C 256 12.66 7.51 22.71
C ASN C 256 11.42 6.64 22.52
N LYS C 257 10.31 7.31 22.22
CA LYS C 257 9.04 6.61 21.97
C LYS C 257 9.12 5.78 20.68
N TRP C 258 9.80 6.28 19.66
CA TRP C 258 9.90 5.57 18.39
C TRP C 258 10.73 4.30 18.51
N PHE C 259 11.65 4.25 19.46
CA PHE C 259 12.53 3.10 19.64
C PHE C 259 12.40 2.51 21.03
N THR C 260 11.17 2.22 21.45
CA THR C 260 10.95 1.60 22.75
C THR C 260 11.46 0.16 22.77
N ASP C 261 11.26 -0.59 21.68
CA ASP C 261 11.65 -1.99 21.62
C ASP C 261 12.77 -2.25 20.64
N THR C 262 13.28 -1.22 19.96
CA THR C 262 14.39 -1.41 19.04
C THR C 262 15.69 -1.68 19.80
N SER C 263 16.44 -2.68 19.35
CA SER C 263 17.69 -3.04 19.99
C SER C 263 18.82 -2.09 19.56
N ILE C 264 19.86 -2.04 20.38
CA ILE C 264 21.00 -1.15 20.19
C ILE C 264 22.27 -2.00 20.24
N ILE C 265 23.14 -1.83 19.25
CA ILE C 265 24.38 -2.60 19.13
C ILE C 265 25.53 -1.61 19.29
N LEU C 266 26.12 -1.60 20.48
CA LEU C 266 27.15 -0.62 20.85
C LEU C 266 28.53 -1.13 20.47
N PHE C 267 29.27 -0.32 19.71
CA PHE C 267 30.64 -0.63 19.31
C PHE C 267 31.61 0.38 19.90
N LEU C 268 32.55 -0.11 20.70
CA LEU C 268 33.71 0.69 21.12
C LEU C 268 34.75 0.59 20.01
N ASN C 269 34.96 1.72 19.31
CA ASN C 269 35.73 1.71 18.06
C ASN C 269 37.21 1.41 18.26
N LYS C 270 37.84 1.99 19.28
CA LYS C 270 39.28 1.89 19.44
C LYS C 270 39.63 1.28 20.79
N LYS C 271 40.44 0.22 20.77
CA LYS C 271 40.86 -0.49 21.97
C LYS C 271 42.34 -0.32 22.30
N ASP C 272 43.24 -0.45 21.30
CA ASP C 272 44.67 -0.35 21.55
C ASP C 272 45.10 1.06 21.94
N LEU C 273 44.54 2.07 21.25
CA LEU C 273 44.84 3.46 21.58
C LEU C 273 44.35 3.82 22.99
N PHE C 274 43.18 3.31 23.37
CA PHE C 274 42.68 3.47 24.72
C PHE C 274 43.61 2.81 25.74
N GLU C 275 44.15 1.64 25.40
CA GLU C 275 45.10 0.96 26.29
C GLU C 275 46.38 1.78 26.47
N GLU C 276 46.90 2.33 25.38
CA GLU C 276 48.10 3.18 25.45
C GLU C 276 47.84 4.44 26.28
N LYS C 277 46.67 5.06 26.09
CA LYS C 277 46.30 6.23 26.86
C LYS C 277 46.14 5.91 28.35
N ILE C 278 45.30 4.91 28.69
CA ILE C 278 45.06 4.52 30.08
C ILE C 278 46.38 4.14 30.79
N LYS C 279 47.33 3.56 30.06
CA LYS C 279 48.68 3.41 30.62
C LYS C 279 49.33 4.77 30.85
N LYS C 280 49.30 5.64 29.83
CA LYS C 280 49.98 6.93 29.94
C LYS C 280 49.23 7.93 30.82
N SER C 281 47.89 7.83 30.88
CA SER C 281 47.09 8.82 31.61
C SER C 281 45.94 8.19 32.39
N PRO C 282 45.75 8.55 33.66
CA PRO C 282 44.65 7.99 34.44
C PRO C 282 43.29 8.48 33.96
N LEU C 283 42.26 7.71 34.29
CA LEU C 283 40.89 8.04 33.90
C LEU C 283 40.16 8.90 34.95
N THR C 284 40.83 9.14 36.07
CA THR C 284 40.26 9.94 37.15
C THR C 284 39.79 11.33 36.72
N ILE C 285 40.33 11.87 35.62
CA ILE C 285 39.87 13.16 35.12
C ILE C 285 38.46 13.05 34.54
N CYS C 286 38.22 12.01 33.74
CA CYS C 286 36.94 11.81 33.08
C CYS C 286 35.81 11.53 34.06
N TYR C 287 36.05 10.69 35.06
CA TYR C 287 35.04 10.32 36.04
C TYR C 287 35.49 10.77 37.42
N PRO C 288 34.71 11.65 38.08
CA PRO C 288 35.04 12.09 39.47
C PRO C 288 35.36 11.00 40.48
N GLU C 289 34.59 9.93 40.52
CA GLU C 289 34.79 8.83 41.45
C GLU C 289 35.06 7.55 40.67
N TYR C 290 36.26 7.00 40.85
CA TYR C 290 36.66 5.78 40.16
C TYR C 290 37.40 4.88 41.14
N ALA C 291 37.36 3.58 40.89
CA ALA C 291 38.00 2.61 41.76
C ALA C 291 39.52 2.66 41.64
N GLY C 292 40.18 1.98 42.59
CA GLY C 292 41.63 1.97 42.64
C GLY C 292 42.28 1.32 41.43
N SER C 293 41.72 0.20 40.97
CA SER C 293 42.22 -0.61 39.85
C SER C 293 42.42 0.17 38.56
N ASN C 294 43.68 0.31 38.15
CA ASN C 294 44.08 1.05 36.96
C ASN C 294 44.19 0.14 35.73
N THR C 295 43.82 -1.13 35.86
CA THR C 295 43.95 -2.10 34.79
C THR C 295 42.98 -1.78 33.64
N TYR C 296 43.39 -2.17 32.42
CA TYR C 296 42.62 -1.90 31.21
C TYR C 296 41.26 -2.60 31.22
N GLU C 297 41.23 -3.84 31.71
CA GLU C 297 39.99 -4.62 31.76
C GLU C 297 38.97 -3.98 32.68
N GLU C 298 39.41 -3.49 33.85
CA GLU C 298 38.52 -2.84 34.80
C GLU C 298 37.94 -1.55 34.21
N ALA C 299 38.78 -0.74 33.54
CA ALA C 299 38.31 0.49 32.91
C ALA C 299 37.31 0.19 31.78
N ALA C 300 37.61 -0.83 30.97
CA ALA C 300 36.71 -1.26 29.90
C ALA C 300 35.34 -1.67 30.43
N ALA C 301 35.34 -2.67 31.34
CA ALA C 301 34.13 -3.09 32.06
C ALA C 301 33.36 -1.92 32.68
N TYR C 302 34.07 -0.98 33.33
CA TYR C 302 33.43 0.18 33.96
C TYR C 302 32.73 1.07 32.94
N ILE C 303 33.40 1.37 31.82
CA ILE C 303 32.81 2.19 30.76
C ILE C 303 31.59 1.48 30.16
N GLN C 304 31.72 0.18 29.89
CA GLN C 304 30.60 -0.64 29.40
C GLN C 304 29.40 -0.60 30.34
N CYS C 305 29.64 -0.77 31.64
CA CYS C 305 28.57 -0.68 32.64
C CYS C 305 27.94 0.71 32.68
N GLN C 306 28.76 1.77 32.54
CA GLN C 306 28.21 3.13 32.49
C GLN C 306 27.29 3.33 31.30
N PHE C 307 27.67 2.83 30.12
CA PHE C 307 26.79 2.94 28.96
C PHE C 307 25.53 2.09 29.10
N GLU C 308 25.66 0.85 29.62
CA GLU C 308 24.50 -0.01 29.83
C GLU C 308 23.55 0.54 30.89
N ASP C 309 24.07 1.26 31.88
CA ASP C 309 23.27 1.83 32.95
C ASP C 309 22.21 2.81 32.45
N LEU C 310 22.54 3.58 31.40
CA LEU C 310 21.64 4.60 30.85
C LEU C 310 20.30 4.07 30.37
N ASN C 311 20.20 2.78 30.02
CA ASN C 311 18.93 2.19 29.60
C ASN C 311 17.98 2.12 30.78
N LYS C 312 16.87 2.86 30.71
CA LYS C 312 15.89 2.88 31.79
C LYS C 312 14.82 1.80 31.62
N ARG C 313 14.85 1.04 30.53
CA ARG C 313 13.91 -0.07 30.28
C ARG C 313 14.76 -1.28 29.88
N LYS C 314 15.30 -1.97 30.89
CA LYS C 314 16.20 -3.10 30.67
C LYS C 314 15.48 -4.29 30.04
N ASP C 315 14.24 -4.55 30.46
CA ASP C 315 13.53 -5.76 30.03
C ASP C 315 13.20 -5.76 28.54
N THR C 316 12.67 -4.64 28.03
CA THR C 316 12.20 -4.63 26.64
C THR C 316 13.35 -4.63 25.63
N LYS C 317 14.47 -3.96 25.93
CA LYS C 317 15.57 -3.86 24.98
C LYS C 317 16.88 -4.28 25.64
N GLU C 318 17.64 -5.13 24.95
CA GLU C 318 18.96 -5.54 25.39
C GLU C 318 20.01 -4.87 24.50
N ILE C 319 21.01 -4.25 25.13
CA ILE C 319 22.10 -3.59 24.43
C ILE C 319 23.28 -4.55 24.36
N TYR C 320 23.81 -4.74 23.15
CA TYR C 320 24.94 -5.63 22.93
C TYR C 320 26.20 -4.78 22.75
N THR C 321 27.22 -5.05 23.56
CA THR C 321 28.46 -4.29 23.56
C THR C 321 29.59 -5.18 23.03
N HIS C 322 30.25 -4.73 21.97
CA HIS C 322 31.33 -5.45 21.35
C HIS C 322 32.57 -4.56 21.30
N PHE C 323 33.73 -5.18 21.10
CA PHE C 323 35.01 -4.49 21.05
C PHE C 323 35.53 -4.62 19.63
N THR C 324 35.63 -3.49 18.92
CA THR C 324 36.04 -3.49 17.52
C THR C 324 37.48 -3.99 17.37
N CYS C 325 37.67 -4.94 16.46
CA CYS C 325 38.96 -5.54 16.16
C CYS C 325 39.25 -5.39 14.67
N SER C 326 40.48 -5.67 14.30
CA SER C 326 40.90 -5.61 12.90
C SER C 326 40.37 -6.77 12.05
N THR C 327 39.60 -7.69 12.62
CA THR C 327 39.00 -8.79 11.89
C THR C 327 37.57 -8.40 11.52
N ASP C 328 37.32 -8.27 10.21
CA ASP C 328 35.99 -7.90 9.71
C ASP C 328 34.96 -8.97 10.02
N THR C 329 35.38 -10.25 9.92
CA THR C 329 34.48 -11.39 10.08
C THR C 329 33.85 -11.43 11.47
N LYS C 330 34.63 -11.09 12.51
CA LYS C 330 34.12 -11.09 13.88
C LYS C 330 33.01 -10.06 14.08
N ASN C 331 33.22 -8.85 13.57
CA ASN C 331 32.22 -7.78 13.70
C ASN C 331 30.97 -8.10 12.91
N VAL C 332 31.13 -8.57 11.67
CA VAL C 332 29.98 -8.91 10.83
C VAL C 332 29.21 -10.09 11.43
N GLN C 333 29.92 -11.07 12.00
CA GLN C 333 29.29 -12.20 12.67
C GLN C 333 28.49 -11.75 13.89
N PHE C 334 29.04 -10.83 14.69
CA PHE C 334 28.34 -10.34 15.88
C PHE C 334 27.07 -9.58 15.49
N VAL C 335 27.16 -8.73 14.45
CA VAL C 335 25.98 -8.02 13.94
C VAL C 335 24.95 -9.01 13.41
N PHE C 336 25.42 -10.07 12.72
CA PHE C 336 24.53 -11.10 12.19
C PHE C 336 23.82 -11.85 13.32
N ASP C 337 24.53 -12.17 14.40
CA ASP C 337 23.91 -12.86 15.53
C ASP C 337 22.87 -11.99 16.22
N ALA C 338 23.16 -10.70 16.41
CA ALA C 338 22.18 -9.80 17.01
C ALA C 338 20.96 -9.61 16.12
N VAL C 339 21.17 -9.49 14.81
CA VAL C 339 20.07 -9.38 13.85
C VAL C 339 19.24 -10.65 13.85
N THR C 340 19.90 -11.81 13.98
CA THR C 340 19.21 -13.09 14.07
C THR C 340 18.33 -13.16 15.31
N ASP C 341 18.81 -12.63 16.44
CA ASP C 341 17.99 -12.59 17.65
C ASP C 341 16.78 -11.67 17.50
N VAL C 342 16.96 -10.53 16.84
CA VAL C 342 15.83 -9.63 16.57
C VAL C 342 14.82 -10.31 15.63
N ILE C 343 15.29 -11.04 14.63
CA ILE C 343 14.42 -11.79 13.72
C ILE C 343 13.66 -12.88 14.48
N ILE C 344 14.32 -13.53 15.46
CA ILE C 344 13.64 -14.51 16.31
C ILE C 344 12.51 -13.87 17.10
N LYS C 345 12.78 -12.68 17.66
CA LYS C 345 11.76 -11.94 18.40
C LYS C 345 10.59 -11.52 17.49
N ASN C 346 10.91 -11.05 16.28
CA ASN C 346 9.89 -10.65 15.32
C ASN C 346 9.02 -11.84 14.89
N ASN C 347 9.65 -13.00 14.65
CA ASN C 347 8.90 -14.22 14.34
C ASN C 347 7.99 -14.63 15.50
N LEU C 348 8.48 -14.52 16.74
CA LEU C 348 7.66 -14.80 17.91
C LEU C 348 6.47 -13.86 18.01
N LYS C 349 6.67 -12.59 17.66
CA LYS C 349 5.56 -11.62 17.65
C LYS C 349 4.56 -11.95 16.54
N ASP C 350 5.06 -12.34 15.36
CA ASP C 350 4.20 -12.66 14.22
C ASP C 350 3.34 -13.89 14.49
N CYS C 351 3.95 -14.95 15.04
CA CYS C 351 3.20 -16.16 15.37
C CYS C 351 2.17 -15.91 16.47
N GLY C 352 2.51 -15.07 17.45
CA GLY C 352 1.64 -14.81 18.57
C GLY C 352 1.88 -15.69 19.77
N LEU C 353 2.86 -16.59 19.70
CA LEU C 353 3.20 -17.44 20.84
C LEU C 353 3.77 -16.60 21.98
N PHE C 354 4.54 -15.57 21.66
CA PHE C 354 5.13 -14.69 22.66
C PHE C 354 4.28 -13.41 22.68
N GLN D 19 23.06 48.84 20.95
CA GLN D 19 22.18 49.83 20.35
C GLN D 19 21.29 49.19 19.30
N LEU D 20 21.86 48.27 18.51
CA LEU D 20 21.11 47.59 17.47
C LEU D 20 20.04 46.67 18.05
N ARG D 21 20.37 45.94 19.11
CA ARG D 21 19.38 45.13 19.82
C ARG D 21 18.30 45.99 20.46
N GLN D 22 18.70 47.13 21.04
CA GLN D 22 17.73 48.07 21.62
C GLN D 22 16.83 48.66 20.55
N GLU D 23 17.40 49.00 19.39
CA GLU D 23 16.60 49.49 18.27
C GLU D 23 15.63 48.43 17.77
N ALA D 24 16.07 47.17 17.71
CA ALA D 24 15.18 46.06 17.35
C ALA D 24 14.03 45.91 18.36
N GLU D 25 14.34 46.03 19.65
CA GLU D 25 13.30 45.94 20.68
C GLU D 25 12.29 47.08 20.57
N GLN D 26 12.76 48.33 20.41
CA GLN D 26 11.83 49.44 20.30
C GLN D 26 11.00 49.37 19.02
N LEU D 27 11.59 48.95 17.89
CA LEU D 27 10.80 48.74 16.67
C LEU D 27 9.78 47.62 16.83
N LYS D 28 10.15 46.54 17.51
CA LYS D 28 9.20 45.46 17.78
C LYS D 28 8.05 45.92 18.66
N ASN D 29 8.35 46.75 19.67
CA ASN D 29 7.32 47.36 20.51
C ASN D 29 6.41 48.27 19.69
N GLN D 30 6.99 49.06 18.77
CA GLN D 30 6.20 49.93 17.90
C GLN D 30 5.26 49.15 17.01
N ILE D 31 5.76 48.06 16.39
CA ILE D 31 4.93 47.22 15.54
C ILE D 31 3.85 46.52 16.37
N ARG D 32 4.18 46.13 17.60
CA ARG D 32 3.22 45.49 18.49
C ARG D 32 2.09 46.45 18.87
N ASP D 33 2.43 47.69 19.23
CA ASP D 33 1.43 48.71 19.54
C ASP D 33 0.57 49.04 18.33
N ALA D 34 1.19 49.19 17.15
CA ALA D 34 0.44 49.49 15.93
C ALA D 34 -0.49 48.35 15.54
N ARG D 35 -0.09 47.09 15.78
CA ARG D 35 -1.01 45.98 15.54
C ARG D 35 -2.12 45.92 16.58
N LYS D 36 -1.85 46.33 17.82
CA LYS D 36 -2.93 46.38 18.81
C LYS D 36 -3.87 47.55 18.59
N ALA D 37 -3.43 48.59 17.87
CA ALA D 37 -4.28 49.74 17.60
C ALA D 37 -5.35 49.46 16.55
N CYS D 38 -5.25 48.35 15.83
CA CYS D 38 -6.23 47.99 14.79
C CYS D 38 -7.05 46.76 15.18
N ALA D 39 -6.97 46.31 16.43
CA ALA D 39 -7.69 45.14 16.91
C ALA D 39 -8.92 45.53 17.75
N ASP D 40 -9.65 46.55 17.30
CA ASP D 40 -10.83 47.02 18.02
C ASP D 40 -11.94 45.96 18.05
N ALA D 41 -12.15 45.27 16.93
CA ALA D 41 -13.18 44.23 16.86
C ALA D 41 -12.53 42.87 16.61
N THR D 42 -13.34 41.82 16.82
CA THR D 42 -12.91 40.45 16.63
C THR D 42 -13.91 39.72 15.74
N LEU D 43 -13.40 38.76 14.96
CA LEU D 43 -14.25 38.00 14.05
C LEU D 43 -15.20 37.05 14.78
N SER D 44 -14.84 36.65 16.01
CA SER D 44 -15.69 35.79 16.84
C SER D 44 -17.03 36.44 17.15
N GLN D 45 -17.04 37.74 17.46
CA GLN D 45 -18.28 38.42 17.78
C GLN D 45 -19.01 38.90 16.54
N ILE D 46 -18.28 39.15 15.45
CA ILE D 46 -18.91 39.52 14.19
C ILE D 46 -19.71 38.34 13.62
N THR D 47 -19.18 37.11 13.74
CA THR D 47 -19.86 35.94 13.20
C THR D 47 -20.93 35.37 14.15
N ASN D 48 -21.27 36.08 15.22
CA ASN D 48 -22.34 35.61 16.11
C ASN D 48 -23.69 35.58 15.42
N ASN D 49 -23.95 36.55 14.54
CA ASN D 49 -25.27 36.70 13.91
C ASN D 49 -25.59 35.59 12.90
N ILE D 50 -24.59 34.99 12.26
CA ILE D 50 -24.87 33.99 11.23
C ILE D 50 -25.37 32.69 11.86
N ASP D 51 -26.26 32.02 11.15
CA ASP D 51 -26.84 30.76 11.62
C ASP D 51 -25.79 29.65 11.57
N PRO D 52 -25.77 28.76 12.57
CA PRO D 52 -24.77 27.67 12.57
C PRO D 52 -25.05 26.64 11.49
N VAL D 53 -23.99 26.25 10.78
CA VAL D 53 -24.10 25.23 9.74
C VAL D 53 -24.42 23.87 10.35
N GLY D 54 -25.20 23.07 9.63
CA GLY D 54 -25.49 21.73 10.07
C GLY D 54 -24.23 20.87 10.12
N ARG D 55 -24.19 19.97 11.11
CA ARG D 55 -23.04 19.10 11.35
C ARG D 55 -22.72 18.23 10.13
N ILE D 56 -21.49 18.35 9.64
CA ILE D 56 -21.06 17.70 8.40
C ILE D 56 -20.79 16.24 8.69
N GLN D 57 -21.70 15.36 8.26
CA GLN D 57 -21.57 13.92 8.45
C GLN D 57 -21.16 13.32 7.10
N MET D 58 -19.86 13.10 6.93
CA MET D 58 -19.34 12.54 5.68
C MET D 58 -19.26 11.03 5.76
N ARG D 59 -19.36 10.38 4.60
CA ARG D 59 -19.32 8.94 4.48
C ARG D 59 -18.33 8.56 3.39
N THR D 60 -17.39 7.67 3.73
CA THR D 60 -16.36 7.19 2.80
C THR D 60 -16.93 6.56 1.53
N ARG D 61 -16.69 7.22 0.40
CA ARG D 61 -17.19 6.74 -0.88
C ARG D 61 -16.24 5.78 -1.56
N ARG D 62 -14.94 5.82 -1.22
CA ARG D 62 -13.94 4.97 -1.85
C ARG D 62 -12.83 4.68 -0.86
N THR D 63 -12.16 3.56 -1.08
CA THR D 63 -11.00 3.16 -0.27
C THR D 63 -9.96 2.62 -1.24
N LEU D 64 -8.77 3.22 -1.23
CA LEU D 64 -7.72 2.89 -2.19
C LEU D 64 -6.69 1.99 -1.53
N ARG D 65 -6.41 0.85 -2.16
CA ARG D 65 -5.55 -0.18 -1.61
C ARG D 65 -4.46 -0.52 -2.62
N GLY D 66 -3.24 -0.75 -2.12
CA GLY D 66 -2.13 -1.07 -2.97
C GLY D 66 -0.82 -0.51 -2.42
N HIS D 67 -0.93 0.47 -1.53
CA HIS D 67 0.21 0.91 -0.74
C HIS D 67 0.46 -0.05 0.41
N LEU D 68 1.74 -0.26 0.71
CA LEU D 68 2.15 -1.12 1.81
C LEU D 68 2.84 -0.38 2.93
N ALA D 69 3.64 0.63 2.60
CA ALA D 69 4.22 1.52 3.59
C ALA D 69 3.31 2.73 3.80
N LYS D 70 3.76 3.64 4.67
CA LYS D 70 2.93 4.77 5.08
C LYS D 70 2.92 5.88 4.03
N ILE D 71 1.79 6.58 3.96
CA ILE D 71 1.60 7.69 3.03
C ILE D 71 2.26 8.93 3.60
N TYR D 72 2.97 9.70 2.76
CA TYR D 72 3.55 10.94 3.24
C TYR D 72 2.94 12.21 2.66
N ALA D 73 2.64 12.26 1.36
CA ALA D 73 2.01 13.46 0.82
C ALA D 73 1.01 13.07 -0.26
N MET D 74 0.07 13.98 -0.52
CA MET D 74 -0.83 13.83 -1.65
C MET D 74 -1.16 15.20 -2.22
N HIS D 75 -1.50 15.22 -3.51
CA HIS D 75 -1.91 16.44 -4.19
C HIS D 75 -2.93 16.08 -5.27
N TRP D 76 -3.97 16.88 -5.38
CA TRP D 76 -4.99 16.68 -6.40
C TRP D 76 -4.57 17.27 -7.74
N GLY D 77 -4.97 16.60 -8.81
CA GLY D 77 -4.85 17.16 -10.14
C GLY D 77 -5.79 18.33 -10.37
N THR D 78 -5.54 19.04 -11.47
CA THR D 78 -6.34 20.21 -11.81
C THR D 78 -7.71 19.85 -12.37
N ASP D 79 -7.89 18.61 -12.81
CA ASP D 79 -9.17 18.14 -13.33
C ASP D 79 -10.01 17.44 -12.27
N SER D 80 -9.50 17.38 -11.02
CA SER D 80 -10.16 16.78 -9.86
C SER D 80 -10.36 15.28 -10.00
N ARG D 81 -9.57 14.63 -10.85
CA ARG D 81 -9.73 13.20 -11.11
C ARG D 81 -8.48 12.39 -10.85
N LEU D 82 -7.30 12.91 -11.21
CA LEU D 82 -6.06 12.23 -10.88
C LEU D 82 -5.55 12.70 -9.52
N LEU D 83 -4.88 11.80 -8.81
CA LEU D 83 -4.22 12.19 -7.57
C LEU D 83 -2.94 11.39 -7.39
N VAL D 84 -1.99 11.97 -6.68
CA VAL D 84 -0.68 11.35 -6.48
C VAL D 84 -0.48 11.05 -4.99
N SER D 85 0.23 9.97 -4.70
CA SER D 85 0.60 9.61 -3.33
C SER D 85 2.02 9.04 -3.32
N ALA D 86 2.70 9.20 -2.18
CA ALA D 86 4.08 8.76 -2.03
C ALA D 86 4.23 7.88 -0.80
N SER D 87 5.08 6.85 -0.90
CA SER D 87 5.22 5.94 0.23
C SER D 87 6.66 5.42 0.32
N GLN D 88 6.96 4.73 1.43
CA GLN D 88 8.30 4.24 1.74
C GLN D 88 8.59 2.86 1.17
N ASP D 89 7.84 2.42 0.17
CA ASP D 89 8.21 1.24 -0.60
C ASP D 89 8.93 1.62 -1.88
N GLY D 90 9.33 2.88 -2.00
CA GLY D 90 9.97 3.38 -3.19
C GLY D 90 9.00 3.78 -4.29
N LYS D 91 7.73 3.94 -3.97
CA LYS D 91 6.70 4.10 -4.99
C LYS D 91 5.95 5.42 -4.85
N LEU D 92 5.77 6.08 -6.00
CA LEU D 92 4.89 7.23 -6.17
C LEU D 92 3.78 6.77 -7.11
N ILE D 93 2.54 6.77 -6.62
CA ILE D 93 1.43 6.16 -7.34
C ILE D 93 0.41 7.24 -7.69
N ILE D 94 0.00 7.27 -8.96
CA ILE D 94 -1.02 8.17 -9.45
C ILE D 94 -2.28 7.37 -9.72
N TRP D 95 -3.38 7.78 -9.07
CA TRP D 95 -4.65 7.10 -9.02
C TRP D 95 -5.72 7.87 -9.79
N ASP D 96 -6.67 7.11 -10.34
CA ASP D 96 -7.96 7.61 -10.79
C ASP D 96 -8.94 7.36 -9.65
N SER D 97 -9.55 8.43 -9.14
CA SER D 97 -10.43 8.31 -7.99
C SER D 97 -11.80 7.73 -8.34
N TYR D 98 -12.32 8.07 -9.53
CA TYR D 98 -13.67 7.64 -9.91
C TYR D 98 -13.74 6.13 -10.14
N THR D 99 -12.74 5.57 -10.82
CA THR D 99 -12.75 4.16 -11.21
C THR D 99 -11.99 3.27 -10.24
N THR D 100 -11.40 3.87 -9.18
CA THR D 100 -10.66 3.22 -8.06
C THR D 100 -9.57 2.26 -8.56
N ASN D 101 -8.92 2.64 -9.64
CA ASN D 101 -7.80 1.90 -10.21
C ASN D 101 -6.54 2.77 -10.20
N LYS D 102 -5.44 2.21 -10.69
CA LYS D 102 -4.15 2.89 -10.69
C LYS D 102 -3.79 3.32 -12.11
N VAL D 103 -3.41 4.58 -12.26
CA VAL D 103 -2.99 5.11 -13.56
C VAL D 103 -1.49 4.95 -13.76
N HIS D 104 -0.68 5.32 -12.76
CA HIS D 104 0.77 5.20 -12.89
C HIS D 104 1.38 4.73 -11.59
N ALA D 105 2.49 4.00 -11.71
CA ALA D 105 3.33 3.60 -10.58
C ALA D 105 4.78 3.90 -10.93
N ILE D 106 5.39 4.84 -10.22
CA ILE D 106 6.72 5.36 -10.52
C ILE D 106 7.67 4.87 -9.43
N PRO D 107 8.76 4.16 -9.77
CA PRO D 107 9.70 3.73 -8.73
C PRO D 107 10.76 4.79 -8.44
N LEU D 108 10.88 5.15 -7.16
CA LEU D 108 11.78 6.22 -6.75
C LEU D 108 13.17 5.70 -6.46
N ARG D 109 14.18 6.52 -6.75
CA ARG D 109 15.56 6.16 -6.43
C ARG D 109 15.83 6.23 -4.94
N SER D 110 15.24 7.20 -4.26
CA SER D 110 15.36 7.34 -2.81
C SER D 110 14.00 7.07 -2.17
N SER D 111 13.96 6.06 -1.29
CA SER D 111 12.70 5.66 -0.68
C SER D 111 12.20 6.67 0.35
N TRP D 112 13.08 7.52 0.90
CA TRP D 112 12.73 8.37 2.02
C TRP D 112 12.14 9.70 1.53
N VAL D 113 11.01 9.59 0.83
CA VAL D 113 10.37 10.73 0.20
C VAL D 113 9.40 11.37 1.19
N MET D 114 9.43 12.70 1.28
CA MET D 114 8.61 13.42 2.25
C MET D 114 7.60 14.37 1.63
N THR D 115 7.58 14.52 0.30
CA THR D 115 6.65 15.43 -0.34
C THR D 115 6.43 15.01 -1.78
N CYS D 116 5.31 15.47 -2.34
CA CYS D 116 5.02 15.31 -3.76
C CYS D 116 4.17 16.48 -4.20
N ALA D 117 4.28 16.83 -5.48
CA ALA D 117 3.47 17.90 -6.06
C ALA D 117 3.07 17.53 -7.49
N TYR D 118 1.93 18.07 -7.91
CA TYR D 118 1.37 17.81 -9.22
C TYR D 118 1.29 19.11 -10.01
N ALA D 119 1.67 19.05 -11.29
CA ALA D 119 1.71 20.23 -12.14
C ALA D 119 0.29 20.77 -12.41
N PRO D 120 0.15 22.10 -12.53
CA PRO D 120 -1.13 22.66 -13.00
C PRO D 120 -1.50 22.24 -14.42
N SER D 121 -0.51 21.97 -15.27
CA SER D 121 -0.80 21.43 -16.59
C SER D 121 -0.99 19.91 -16.57
N GLY D 122 -0.51 19.24 -15.53
CA GLY D 122 -0.55 17.79 -15.47
C GLY D 122 0.53 17.07 -16.23
N ASN D 123 1.59 17.77 -16.64
CA ASN D 123 2.66 17.13 -17.41
C ASN D 123 3.76 16.54 -16.52
N TYR D 124 4.02 17.14 -15.36
CA TYR D 124 5.16 16.78 -14.53
C TYR D 124 4.74 16.52 -13.10
N VAL D 125 5.54 15.70 -12.41
CA VAL D 125 5.44 15.55 -10.97
C VAL D 125 6.81 15.80 -10.36
N ALA D 126 6.83 16.26 -9.11
CA ALA D 126 8.07 16.46 -8.38
C ALA D 126 8.03 15.70 -7.05
N CYS D 127 9.21 15.34 -6.56
CA CYS D 127 9.31 14.66 -5.28
C CYS D 127 10.65 14.96 -4.62
N GLY D 128 10.60 15.23 -3.31
CA GLY D 128 11.80 15.52 -2.55
C GLY D 128 11.87 14.65 -1.31
N GLY D 129 13.07 14.49 -0.80
CA GLY D 129 13.27 13.65 0.35
C GLY D 129 14.49 13.99 1.17
N LEU D 130 14.94 12.99 1.94
CA LEU D 130 16.12 13.13 2.80
C LEU D 130 17.42 13.28 2.01
N ASP D 131 17.43 12.91 0.72
CA ASP D 131 18.63 12.95 -0.09
C ASP D 131 19.00 14.35 -0.59
N ASN D 132 18.23 15.38 -0.18
CA ASN D 132 18.41 16.78 -0.56
C ASN D 132 18.34 17.00 -2.06
N ILE D 133 17.52 16.19 -2.74
CA ILE D 133 17.38 16.25 -4.19
C ILE D 133 15.89 16.29 -4.53
N CYS D 134 15.51 17.21 -5.41
CA CYS D 134 14.15 17.31 -5.92
C CYS D 134 14.14 16.72 -7.32
N SER D 135 13.51 15.56 -7.47
CA SER D 135 13.45 14.86 -8.74
C SER D 135 12.14 15.16 -9.44
N ILE D 136 12.22 15.48 -10.74
CA ILE D 136 11.06 15.82 -11.55
C ILE D 136 10.88 14.75 -12.60
N TYR D 137 9.65 14.25 -12.75
CA TYR D 137 9.32 13.19 -13.68
C TYR D 137 8.29 13.69 -14.68
N ASN D 138 8.45 13.24 -15.94
CA ASN D 138 7.59 13.63 -17.04
C ASN D 138 6.56 12.53 -17.29
N LEU D 139 5.29 12.89 -17.18
CA LEU D 139 4.20 11.92 -17.27
C LEU D 139 3.72 11.66 -18.69
N LYS D 140 4.13 12.46 -19.67
CA LYS D 140 3.66 12.34 -21.05
C LYS D 140 4.86 12.26 -21.99
N THR D 141 5.38 11.04 -22.16
CA THR D 141 6.51 10.78 -23.04
C THR D 141 6.05 9.97 -24.25
N ARG D 142 6.77 10.14 -25.37
CA ARG D 142 6.46 9.38 -26.57
C ARG D 142 6.77 7.90 -26.40
N GLU D 143 7.80 7.58 -25.63
CA GLU D 143 8.15 6.18 -25.36
C GLU D 143 7.08 5.48 -24.54
N GLY D 144 6.37 6.21 -23.67
CA GLY D 144 5.34 5.65 -22.84
C GLY D 144 5.79 5.27 -21.44
N ASN D 145 7.06 5.49 -21.11
CA ASN D 145 7.58 5.23 -19.78
C ASN D 145 7.91 6.54 -19.07
N VAL D 146 7.84 6.52 -17.75
CA VAL D 146 8.12 7.70 -16.95
C VAL D 146 9.62 7.88 -16.84
N ARG D 147 10.10 9.08 -17.16
CA ARG D 147 11.52 9.38 -17.19
C ARG D 147 11.78 10.60 -16.33
N VAL D 148 12.77 10.50 -15.43
CA VAL D 148 13.18 11.65 -14.63
C VAL D 148 13.69 12.77 -15.54
N SER D 149 13.18 13.98 -15.31
CA SER D 149 13.51 15.13 -16.15
C SER D 149 14.72 15.89 -15.61
N ARG D 150 14.68 16.28 -14.34
CA ARG D 150 15.75 17.06 -13.74
C ARG D 150 15.78 16.79 -12.25
N GLU D 151 17.00 16.64 -11.72
CA GLU D 151 17.24 16.45 -10.30
C GLU D 151 17.97 17.68 -9.77
N LEU D 152 17.35 18.37 -8.82
CA LEU D 152 17.90 19.59 -8.25
C LEU D 152 18.54 19.28 -6.90
N ALA D 153 19.84 19.55 -6.78
CA ALA D 153 20.59 19.32 -5.53
C ALA D 153 21.37 20.59 -5.21
N GLY D 154 20.68 21.57 -4.66
CA GLY D 154 21.32 22.80 -4.22
C GLY D 154 21.11 23.10 -2.76
N HIS D 155 20.50 22.16 -2.04
CA HIS D 155 20.12 22.38 -0.65
C HIS D 155 20.97 21.52 0.28
N THR D 156 21.31 22.08 1.45
CA THR D 156 22.11 21.40 2.46
C THR D 156 21.23 20.65 3.45
N GLY D 157 19.91 20.78 3.33
CA GLY D 157 19.01 20.13 4.25
C GLY D 157 17.89 19.41 3.51
N TYR D 158 17.25 18.48 4.22
CA TYR D 158 16.13 17.71 3.70
C TYR D 158 14.98 18.61 3.24
N LEU D 159 14.41 18.25 2.09
CA LEU D 159 13.30 19.02 1.53
C LEU D 159 11.99 18.66 2.24
N SER D 160 11.29 19.68 2.73
CA SER D 160 10.01 19.48 3.40
C SER D 160 8.82 19.57 2.46
N CYS D 161 8.85 20.46 1.48
CA CYS D 161 7.73 20.66 0.59
C CYS D 161 8.21 21.20 -0.75
N CYS D 162 7.38 21.01 -1.77
CA CYS D 162 7.59 21.59 -3.09
C CYS D 162 6.24 21.99 -3.67
N ARG D 163 6.24 23.08 -4.44
CA ARG D 163 5.03 23.57 -5.09
C ARG D 163 5.34 24.05 -6.50
N PHE D 164 4.49 23.66 -7.45
CA PHE D 164 4.63 24.06 -8.84
C PHE D 164 4.00 25.43 -9.06
N LEU D 165 4.82 26.45 -9.34
CA LEU D 165 4.29 27.73 -9.80
C LEU D 165 3.65 27.59 -11.17
N ASP D 166 4.35 26.94 -12.09
CA ASP D 166 3.89 26.64 -13.44
C ASP D 166 4.74 25.47 -13.97
N ASP D 167 4.69 25.26 -15.28
CA ASP D 167 5.47 24.19 -15.90
C ASP D 167 6.97 24.40 -15.73
N ASN D 168 7.44 25.65 -15.83
CA ASN D 168 8.88 25.92 -15.86
C ASN D 168 9.45 26.43 -14.53
N GLN D 169 8.62 26.74 -13.54
CA GLN D 169 9.13 27.29 -12.28
C GLN D 169 8.62 26.45 -11.12
N ILE D 170 9.52 26.19 -10.16
CA ILE D 170 9.17 25.37 -8.99
C ILE D 170 9.81 25.96 -7.74
N VAL D 171 8.99 26.33 -6.76
CA VAL D 171 9.48 26.76 -5.46
C VAL D 171 9.59 25.54 -4.54
N THR D 172 10.74 25.40 -3.89
CA THR D 172 11.02 24.32 -2.97
C THR D 172 11.35 24.86 -1.58
N SER D 173 11.15 24.01 -0.58
CA SER D 173 11.42 24.33 0.82
C SER D 173 12.27 23.23 1.43
N SER D 174 13.23 23.62 2.25
CA SER D 174 14.25 22.70 2.72
C SER D 174 14.57 22.99 4.19
N GLY D 175 15.23 22.01 4.81
CA GLY D 175 15.60 22.04 6.21
C GLY D 175 16.83 22.86 6.56
N ASP D 176 17.44 23.54 5.60
CA ASP D 176 18.59 24.40 5.85
C ASP D 176 18.21 25.86 6.05
N THR D 177 17.03 26.11 6.62
CA THR D 177 16.50 27.44 6.97
C THR D 177 16.44 28.39 5.77
N THR D 178 16.05 27.86 4.61
CA THR D 178 15.90 28.68 3.41
C THR D 178 14.93 28.02 2.44
N CYS D 179 14.38 28.84 1.56
CA CYS D 179 13.49 28.40 0.49
C CYS D 179 14.09 28.85 -0.84
N ALA D 180 13.86 28.07 -1.90
CA ALA D 180 14.51 28.42 -3.16
C ALA D 180 13.55 28.25 -4.33
N LEU D 181 13.56 29.24 -5.22
CA LEU D 181 12.77 29.22 -6.44
C LEU D 181 13.71 28.84 -7.57
N TRP D 182 13.35 27.77 -8.29
CA TRP D 182 14.16 27.18 -9.36
C TRP D 182 13.41 27.26 -10.68
N ASP D 183 14.18 27.26 -11.76
CA ASP D 183 13.66 26.96 -13.08
C ASP D 183 14.19 25.61 -13.55
N ILE D 184 13.39 24.92 -14.36
CA ILE D 184 13.67 23.52 -14.67
C ILE D 184 14.49 23.37 -15.95
N GLU D 185 14.39 24.35 -16.87
CA GLU D 185 15.14 24.31 -18.11
C GLU D 185 16.65 24.43 -17.87
N THR D 186 17.05 25.37 -17.02
CA THR D 186 18.48 25.54 -16.75
C THR D 186 18.96 24.68 -15.58
N GLY D 187 18.18 24.61 -14.50
CA GLY D 187 18.56 23.87 -13.32
C GLY D 187 19.23 24.67 -12.22
N GLN D 188 19.31 25.99 -12.36
CA GLN D 188 19.91 26.85 -11.35
C GLN D 188 18.82 27.50 -10.50
N GLN D 189 19.13 27.73 -9.23
CA GLN D 189 18.19 28.40 -8.35
C GLN D 189 18.07 29.88 -8.71
N THR D 190 16.87 30.29 -9.13
CA THR D 190 16.68 31.66 -9.60
C THR D 190 16.54 32.63 -8.44
N THR D 191 15.94 32.20 -7.34
CA THR D 191 15.69 33.11 -6.22
C THR D 191 15.93 32.35 -4.92
N THR D 192 16.41 33.07 -3.91
CA THR D 192 16.73 32.49 -2.61
C THR D 192 16.05 33.31 -1.53
N PHE D 193 15.37 32.64 -0.59
CA PHE D 193 14.60 33.27 0.47
C PHE D 193 15.17 32.78 1.80
N THR D 194 15.90 33.66 2.48
CA THR D 194 16.62 33.31 3.71
C THR D 194 16.33 34.35 4.80
N GLY D 195 15.32 34.07 5.60
CA GLY D 195 15.02 34.89 6.76
C GLY D 195 14.67 34.09 8.01
N HIS D 196 14.60 32.77 7.87
CA HIS D 196 14.17 31.91 8.96
C HIS D 196 15.35 31.51 9.84
N THR D 197 15.04 31.26 11.12
CA THR D 197 16.04 30.83 12.08
C THR D 197 15.90 29.36 12.43
N GLY D 198 14.86 28.68 11.94
CA GLY D 198 14.68 27.26 12.15
C GLY D 198 14.33 26.59 10.84
N ASP D 199 14.29 25.25 10.90
CA ASP D 199 14.02 24.44 9.71
C ASP D 199 12.64 24.73 9.15
N VAL D 200 12.56 24.94 7.84
CA VAL D 200 11.33 25.41 7.20
C VAL D 200 10.51 24.19 6.79
N MET D 201 9.25 24.16 7.21
CA MET D 201 8.43 22.96 7.14
C MET D 201 7.39 22.95 6.03
N SER D 202 6.91 24.10 5.61
CA SER D 202 5.79 24.06 4.66
C SER D 202 5.74 25.33 3.81
N LEU D 203 5.10 25.19 2.64
CA LEU D 203 4.85 26.26 1.70
C LEU D 203 3.39 26.25 1.29
N SER D 204 2.88 27.43 0.93
CA SER D 204 1.57 27.51 0.28
C SER D 204 1.57 28.66 -0.72
N LEU D 205 1.01 28.41 -1.90
CA LEU D 205 0.93 29.38 -2.97
C LEU D 205 -0.42 30.08 -2.99
N ALA D 206 -0.41 31.35 -3.37
CA ALA D 206 -1.64 32.06 -3.68
C ALA D 206 -2.26 31.49 -4.97
N PRO D 207 -3.58 31.58 -5.10
CA PRO D 207 -4.22 31.17 -6.37
C PRO D 207 -3.74 31.90 -7.62
N ASP D 208 -3.35 33.18 -7.49
CA ASP D 208 -2.86 33.95 -8.62
C ASP D 208 -1.35 33.90 -8.76
N THR D 209 -0.67 33.08 -7.94
CA THR D 209 0.78 32.80 -7.97
C THR D 209 1.63 34.05 -7.77
N ARG D 210 1.07 35.11 -7.18
CA ARG D 210 1.82 36.34 -6.98
C ARG D 210 2.76 36.25 -5.78
N LEU D 211 2.33 35.56 -4.73
CA LEU D 211 3.07 35.51 -3.48
C LEU D 211 2.82 34.17 -2.80
N PHE D 212 3.72 33.81 -1.89
CA PHE D 212 3.62 32.54 -1.18
C PHE D 212 3.94 32.75 0.29
N VAL D 213 3.49 31.81 1.11
CA VAL D 213 3.77 31.82 2.55
C VAL D 213 4.56 30.57 2.89
N SER D 214 5.35 30.67 3.97
CA SER D 214 6.15 29.56 4.44
C SER D 214 6.06 29.44 5.96
N GLY D 215 5.99 28.20 6.43
CA GLY D 215 6.00 27.90 7.85
C GLY D 215 7.26 27.13 8.22
N ALA D 216 7.79 27.42 9.41
CA ALA D 216 9.08 26.91 9.85
C ALA D 216 9.01 26.49 11.32
N CYS D 217 10.14 25.96 11.81
CA CYS D 217 10.25 25.42 13.16
C CYS D 217 10.56 26.47 14.22
N ASP D 218 10.49 27.77 13.88
CA ASP D 218 10.76 28.83 14.84
C ASP D 218 9.49 29.51 15.35
N ALA D 219 8.34 28.84 15.19
CA ALA D 219 7.02 29.30 15.66
C ALA D 219 6.60 30.58 14.95
N SER D 220 7.07 30.76 13.72
CA SER D 220 6.76 31.93 12.91
C SER D 220 6.43 31.50 11.50
N ALA D 221 5.60 32.28 10.83
CA ALA D 221 5.28 32.08 9.42
C ALA D 221 5.59 33.36 8.66
N LYS D 222 6.19 33.23 7.49
CA LYS D 222 6.61 34.41 6.74
C LYS D 222 5.90 34.51 5.40
N LEU D 223 5.59 35.75 5.03
CA LEU D 223 5.00 36.09 3.75
C LEU D 223 6.10 36.71 2.90
N TRP D 224 6.46 36.03 1.83
CA TRP D 224 7.53 36.42 0.93
C TRP D 224 6.93 37.07 -0.31
N ASP D 225 7.78 37.38 -1.29
CA ASP D 225 7.31 37.90 -2.57
C ASP D 225 8.10 37.23 -3.68
N VAL D 226 7.37 36.79 -4.72
CA VAL D 226 7.99 36.02 -5.80
C VAL D 226 8.90 36.91 -6.66
N ARG D 227 8.38 38.06 -7.12
CA ARG D 227 9.11 38.86 -8.11
C ARG D 227 10.35 39.54 -7.52
N GLU D 228 10.20 40.40 -6.50
CA GLU D 228 11.37 41.08 -5.94
C GLU D 228 12.28 40.11 -5.19
N GLY D 229 11.71 39.11 -4.52
CA GLY D 229 12.50 38.14 -3.79
C GLY D 229 12.81 38.51 -2.36
N MET D 230 11.98 39.33 -1.72
CA MET D 230 12.21 39.78 -0.36
C MET D 230 11.00 39.46 0.51
N CYS D 231 11.25 39.38 1.81
CA CYS D 231 10.18 39.12 2.77
C CYS D 231 9.23 40.30 2.89
N ARG D 232 7.94 39.99 2.93
CA ARG D 232 6.91 41.02 3.07
C ARG D 232 6.40 41.11 4.51
N GLN D 233 6.06 40.00 5.14
CA GLN D 233 5.51 40.03 6.50
C GLN D 233 6.03 38.86 7.31
N THR D 234 5.96 39.01 8.63
CA THR D 234 6.45 38.00 9.59
C THR D 234 5.43 37.86 10.70
N PHE D 235 4.94 36.65 10.92
CA PHE D 235 3.92 36.34 11.90
C PHE D 235 4.53 35.52 13.01
N THR D 236 4.49 36.05 14.24
CA THR D 236 5.08 35.40 15.41
C THR D 236 3.99 35.35 16.48
N GLY D 237 3.20 34.28 16.47
CA GLY D 237 2.16 34.13 17.46
C GLY D 237 2.07 32.77 18.12
N HIS D 238 2.88 31.82 17.67
CA HIS D 238 2.77 30.44 18.13
C HIS D 238 3.76 30.13 19.24
N GLU D 239 3.43 29.10 20.02
CA GLU D 239 4.30 28.59 21.07
C GLU D 239 5.14 27.39 20.62
N SER D 240 4.71 26.68 19.58
CA SER D 240 5.43 25.53 19.05
C SER D 240 5.60 25.68 17.55
N ASP D 241 6.29 24.71 16.94
CA ASP D 241 6.63 24.75 15.53
C ASP D 241 5.39 24.53 14.66
N ILE D 242 5.47 25.04 13.44
CA ILE D 242 4.34 25.02 12.50
C ILE D 242 4.60 23.91 11.48
N ASN D 243 3.67 22.96 11.41
CA ASN D 243 3.80 21.83 10.49
C ASN D 243 2.98 21.98 9.21
N ALA D 244 1.93 22.80 9.21
CA ALA D 244 1.00 22.84 8.09
C ALA D 244 0.59 24.27 7.80
N ILE D 245 0.45 24.60 6.51
CA ILE D 245 0.02 25.92 6.08
C ILE D 245 -0.89 25.76 4.86
N CYS D 246 -1.90 26.62 4.77
CA CYS D 246 -2.79 26.63 3.61
C CYS D 246 -3.37 28.03 3.42
N PHE D 247 -3.42 28.47 2.16
CA PHE D 247 -4.09 29.72 1.83
C PHE D 247 -5.60 29.57 1.87
N PHE D 248 -6.26 30.65 2.30
CA PHE D 248 -7.69 30.80 2.09
C PHE D 248 -7.96 30.98 0.60
N PRO D 249 -9.08 30.46 0.08
CA PRO D 249 -9.38 30.57 -1.36
C PRO D 249 -9.47 31.99 -1.91
N ASN D 250 -9.84 32.99 -1.10
CA ASN D 250 -9.77 34.37 -1.56
C ASN D 250 -8.34 34.81 -1.80
N GLY D 251 -7.41 34.36 -0.96
CA GLY D 251 -6.01 34.73 -1.09
C GLY D 251 -5.55 35.85 -0.19
N ASN D 252 -6.38 36.32 0.75
CA ASN D 252 -6.00 37.40 1.65
C ASN D 252 -5.98 36.96 3.10
N ALA D 253 -5.90 35.65 3.36
CA ALA D 253 -5.78 35.12 4.71
C ALA D 253 -5.19 33.72 4.62
N PHE D 254 -4.73 33.22 5.75
CA PHE D 254 -4.25 31.84 5.80
C PHE D 254 -4.45 31.28 7.20
N ALA D 255 -4.43 29.94 7.28
CA ALA D 255 -4.56 29.24 8.55
C ALA D 255 -3.32 28.38 8.78
N THR D 256 -3.02 28.15 10.04
CA THR D 256 -1.81 27.46 10.46
C THR D 256 -2.17 26.15 11.17
N GLY D 257 -1.13 25.40 11.53
CA GLY D 257 -1.27 24.20 12.32
C GLY D 257 0.03 23.88 13.04
N SER D 258 -0.05 23.64 14.34
CA SER D 258 1.13 23.49 15.18
C SER D 258 0.99 22.26 16.06
N ASP D 259 2.02 21.99 16.86
CA ASP D 259 2.09 20.82 17.72
C ASP D 259 1.43 21.02 19.08
N ASP D 260 0.92 22.21 19.37
CA ASP D 260 0.26 22.47 20.65
C ASP D 260 -1.26 22.41 20.54
N ALA D 261 -1.76 21.63 19.57
CA ALA D 261 -3.18 21.27 19.42
C ALA D 261 -4.07 22.50 19.17
N THR D 262 -3.59 23.42 18.34
CA THR D 262 -4.38 24.59 18.00
C THR D 262 -4.07 25.02 16.57
N CYS D 263 -5.10 25.53 15.90
CA CYS D 263 -4.96 26.18 14.61
C CYS D 263 -5.24 27.67 14.77
N ARG D 264 -4.54 28.49 14.00
CA ARG D 264 -4.69 29.93 14.14
C ARG D 264 -4.86 30.57 12.76
N LEU D 265 -5.70 31.60 12.71
CA LEU D 265 -6.06 32.25 11.46
C LEU D 265 -5.38 33.61 11.40
N PHE D 266 -4.48 33.79 10.42
CA PHE D 266 -3.75 35.03 10.25
C PHE D 266 -4.23 35.74 8.98
N ASP D 267 -4.05 37.06 8.99
CA ASP D 267 -4.50 37.94 7.91
C ASP D 267 -3.28 38.56 7.25
N LEU D 268 -3.33 38.65 5.92
CA LEU D 268 -2.30 39.38 5.18
C LEU D 268 -2.48 40.89 5.31
N ARG D 269 -3.69 41.35 5.64
CA ARG D 269 -3.99 42.77 5.75
C ARG D 269 -3.75 43.28 7.17
N ALA D 270 -4.40 42.66 8.16
CA ALA D 270 -4.24 43.08 9.54
C ALA D 270 -2.90 42.66 10.14
N ASP D 271 -2.21 41.71 9.50
CA ASP D 271 -0.85 41.27 9.85
C ASP D 271 -0.79 40.69 11.27
N GLN D 272 -1.85 40.01 11.68
CA GLN D 272 -1.94 39.44 13.02
C GLN D 272 -2.99 38.34 13.05
N GLU D 273 -3.08 37.68 14.20
CA GLU D 273 -4.02 36.60 14.42
C GLU D 273 -5.46 37.11 14.41
N LEU D 274 -6.37 36.28 13.90
CA LEU D 274 -7.79 36.61 13.86
C LEU D 274 -8.63 35.71 14.76
N MET D 275 -8.46 34.39 14.67
CA MET D 275 -9.21 33.45 15.50
C MET D 275 -8.35 32.23 15.82
N THR D 276 -8.74 31.57 16.91
CA THR D 276 -8.03 30.42 17.46
C THR D 276 -8.96 29.22 17.49
N TYR D 277 -8.52 28.11 16.88
CA TYR D 277 -9.26 26.86 16.80
C TYR D 277 -8.60 25.89 17.78
N SER D 278 -9.18 25.76 18.97
CA SER D 278 -8.62 24.87 19.99
C SER D 278 -9.75 24.27 20.80
N HIS D 279 -9.48 23.11 21.40
CA HIS D 279 -10.41 22.44 22.28
C HIS D 279 -9.63 21.85 23.44
N ASP D 280 -10.27 21.82 24.62
CA ASP D 280 -9.60 21.44 25.86
C ASP D 280 -9.19 19.96 25.85
N ASN D 281 -9.99 19.09 25.23
CA ASN D 281 -9.72 17.66 25.25
C ASN D 281 -8.80 17.19 24.13
N ILE D 282 -8.07 18.11 23.48
CA ILE D 282 -7.13 17.77 22.43
C ILE D 282 -5.75 18.24 22.86
N ILE D 283 -4.78 17.32 22.88
CA ILE D 283 -3.41 17.62 23.23
C ILE D 283 -2.42 17.17 22.16
N CYS D 284 -2.90 16.64 21.05
CA CYS D 284 -2.06 15.99 20.05
C CYS D 284 -1.63 16.97 18.95
N GLY D 285 -0.75 16.49 18.08
CA GLY D 285 -0.15 17.33 17.05
C GLY D 285 -0.95 17.35 15.76
N ILE D 286 -0.85 18.46 15.04
CA ILE D 286 -1.61 18.70 13.82
C ILE D 286 -0.68 18.51 12.63
N THR D 287 -1.02 17.56 11.76
CA THR D 287 -0.11 17.16 10.70
C THR D 287 -0.42 17.79 9.35
N SER D 288 -1.67 18.20 9.10
CA SER D 288 -2.04 18.74 7.81
C SER D 288 -3.29 19.60 7.95
N VAL D 289 -3.43 20.58 7.04
CA VAL D 289 -4.49 21.59 7.08
C VAL D 289 -4.93 21.84 5.65
N SER D 290 -6.24 21.93 5.42
CA SER D 290 -6.78 22.27 4.11
C SER D 290 -8.13 22.94 4.25
N PHE D 291 -8.47 23.75 3.26
CA PHE D 291 -9.71 24.52 3.22
C PHE D 291 -10.72 23.90 2.27
N SER D 292 -11.98 24.31 2.44
CA SER D 292 -13.04 24.03 1.49
C SER D 292 -13.02 25.08 0.37
N LYS D 293 -13.74 24.78 -0.71
CA LYS D 293 -13.78 25.66 -1.87
C LYS D 293 -14.38 27.02 -1.53
N SER D 294 -15.41 27.04 -0.69
CA SER D 294 -15.98 28.31 -0.23
C SER D 294 -15.23 28.91 0.94
N GLY D 295 -14.35 28.16 1.59
CA GLY D 295 -13.68 28.62 2.78
C GLY D 295 -14.51 28.57 4.05
N ARG D 296 -15.73 28.05 3.99
CA ARG D 296 -16.59 27.99 5.17
C ARG D 296 -16.11 26.93 6.16
N LEU D 297 -15.62 25.80 5.65
CA LEU D 297 -15.12 24.72 6.48
C LEU D 297 -13.60 24.73 6.51
N LEU D 298 -13.05 24.15 7.58
CA LEU D 298 -11.61 23.99 7.75
C LEU D 298 -11.37 22.58 8.29
N LEU D 299 -10.75 21.73 7.47
CA LEU D 299 -10.45 20.37 7.86
C LEU D 299 -9.03 20.30 8.41
N ALA D 300 -8.86 19.70 9.59
CA ALA D 300 -7.56 19.60 10.23
C ALA D 300 -7.30 18.15 10.63
N GLY D 301 -6.19 17.60 10.14
CA GLY D 301 -5.76 16.28 10.52
C GLY D 301 -4.93 16.29 11.79
N TYR D 302 -5.43 15.66 12.84
CA TYR D 302 -4.78 15.59 14.14
C TYR D 302 -4.02 14.26 14.29
N ASP D 303 -3.38 14.10 15.44
CA ASP D 303 -2.61 12.90 15.77
C ASP D 303 -3.44 11.93 16.62
N ASP D 304 -4.73 12.19 16.78
CA ASP D 304 -5.61 11.35 17.57
C ASP D 304 -6.30 10.27 16.74
N PHE D 305 -5.83 10.06 15.50
CA PHE D 305 -6.22 9.07 14.47
C PHE D 305 -7.51 9.48 13.76
N ASN D 306 -8.02 10.69 13.98
CA ASN D 306 -9.20 11.19 13.29
C ASN D 306 -8.96 12.62 12.81
N CYS D 307 -9.66 13.02 11.76
CA CYS D 307 -9.56 14.36 11.20
C CYS D 307 -10.80 15.16 11.58
N ASN D 308 -10.59 16.30 12.23
CA ASN D 308 -11.71 17.10 12.71
C ASN D 308 -12.04 18.20 11.72
N VAL D 309 -13.34 18.39 11.47
CA VAL D 309 -13.84 19.43 10.58
C VAL D 309 -14.42 20.53 11.44
N TRP D 310 -13.82 21.71 11.37
CA TRP D 310 -14.28 22.92 12.02
C TRP D 310 -14.91 23.82 10.96
N ASP D 311 -15.55 24.90 11.42
CA ASP D 311 -15.98 25.96 10.53
C ASP D 311 -15.14 27.22 10.79
N ALA D 312 -14.74 27.88 9.71
CA ALA D 312 -13.81 29.01 9.81
C ALA D 312 -14.42 30.17 10.59
N LEU D 313 -15.69 30.49 10.31
CA LEU D 313 -16.30 31.70 10.89
C LEU D 313 -16.64 31.53 12.36
N LYS D 314 -17.44 30.52 12.70
CA LYS D 314 -17.90 30.36 14.08
C LYS D 314 -16.86 29.71 15.00
N ALA D 315 -16.02 28.82 14.45
CA ALA D 315 -14.95 28.09 15.16
C ALA D 315 -15.49 27.09 16.18
N ASP D 316 -16.55 26.37 15.81
CA ASP D 316 -16.99 25.21 16.56
C ASP D 316 -16.83 23.98 15.67
N ARG D 317 -16.91 22.79 16.27
CA ARG D 317 -16.67 21.57 15.51
C ARG D 317 -17.91 21.23 14.69
N ALA D 318 -17.69 20.92 13.41
CA ALA D 318 -18.76 20.59 12.49
C ALA D 318 -18.73 19.15 12.01
N GLY D 319 -17.68 18.40 12.33
CA GLY D 319 -17.73 16.97 12.06
C GLY D 319 -16.42 16.29 12.42
N VAL D 320 -16.44 14.96 12.26
CA VAL D 320 -15.32 14.08 12.57
C VAL D 320 -15.21 13.08 11.43
N LEU D 321 -13.98 12.81 10.99
CA LEU D 321 -13.69 11.75 10.03
C LEU D 321 -12.78 10.74 10.74
N ALA D 322 -13.38 9.65 11.22
CA ALA D 322 -12.65 8.57 11.86
C ALA D 322 -12.42 7.45 10.85
N GLY D 323 -11.91 6.32 11.32
CA GLY D 323 -11.74 5.16 10.48
C GLY D 323 -10.35 4.95 9.93
N HIS D 324 -9.32 5.50 10.57
CA HIS D 324 -7.93 5.20 10.23
C HIS D 324 -7.28 4.45 11.39
N ASP D 325 -6.32 3.61 11.05
CA ASP D 325 -5.66 2.73 12.02
C ASP D 325 -4.32 3.28 12.50
N ASN D 326 -3.90 4.44 12.00
CA ASN D 326 -2.63 5.03 12.38
C ASN D 326 -2.74 6.53 12.09
N ARG D 327 -1.70 7.27 12.50
CA ARG D 327 -1.62 8.74 12.41
C ARG D 327 -1.92 9.28 11.01
N VAL D 328 -2.92 10.14 10.93
CA VAL D 328 -3.29 10.78 9.67
C VAL D 328 -2.23 11.82 9.32
N SER D 329 -1.65 11.68 8.12
CA SER D 329 -0.51 12.51 7.73
C SER D 329 -0.80 13.53 6.64
N CYS D 330 -1.88 13.39 5.88
CA CYS D 330 -2.13 14.32 4.79
C CYS D 330 -3.59 14.28 4.40
N LEU D 331 -4.07 15.39 3.85
CA LEU D 331 -5.42 15.43 3.28
C LEU D 331 -5.49 16.55 2.26
N GLY D 332 -6.50 16.45 1.38
CA GLY D 332 -6.69 17.45 0.35
C GLY D 332 -8.09 17.47 -0.24
N VAL D 333 -8.61 18.67 -0.46
CA VAL D 333 -9.89 18.89 -1.13
C VAL D 333 -9.61 19.11 -2.62
N THR D 334 -10.49 18.55 -3.47
CA THR D 334 -10.41 18.77 -4.91
C THR D 334 -10.61 20.24 -5.26
N ASP D 335 -10.17 20.60 -6.47
CA ASP D 335 -10.24 21.98 -6.94
C ASP D 335 -11.68 22.44 -7.17
N ASP D 336 -12.61 21.51 -7.40
CA ASP D 336 -14.03 21.83 -7.47
C ASP D 336 -14.76 21.52 -6.16
N GLY D 337 -14.08 20.91 -5.19
CA GLY D 337 -14.63 20.72 -3.87
C GLY D 337 -15.58 19.55 -3.71
N MET D 338 -15.71 18.70 -4.72
CA MET D 338 -16.68 17.60 -4.69
C MET D 338 -16.38 16.58 -3.59
N ALA D 339 -15.10 16.33 -3.31
CA ALA D 339 -14.73 15.31 -2.33
C ALA D 339 -13.42 15.72 -1.66
N VAL D 340 -13.05 14.97 -0.63
CA VAL D 340 -11.81 15.21 0.10
C VAL D 340 -11.12 13.88 0.39
N ALA D 341 -9.82 13.81 0.11
CA ALA D 341 -9.07 12.58 0.35
C ALA D 341 -8.15 12.75 1.55
N THR D 342 -7.97 11.66 2.28
CA THR D 342 -7.13 11.62 3.48
C THR D 342 -6.19 10.43 3.37
N GLY D 343 -4.90 10.70 3.51
CA GLY D 343 -3.87 9.68 3.61
C GLY D 343 -3.27 9.66 5.01
N SER D 344 -2.78 8.49 5.41
CA SER D 344 -2.42 8.24 6.78
C SER D 344 -1.31 7.20 6.83
N TRP D 345 -0.81 6.94 8.04
CA TRP D 345 0.27 6.00 8.27
C TRP D 345 -0.20 4.54 8.32
N ASP D 346 -1.46 4.27 7.96
CA ASP D 346 -2.02 2.94 7.94
C ASP D 346 -1.91 2.26 6.57
N SER D 347 -1.24 2.92 5.61
CA SER D 347 -1.00 2.50 4.22
C SER D 347 -2.26 2.55 3.37
N PHE D 348 -3.29 3.26 3.81
CA PHE D 348 -4.53 3.43 3.06
C PHE D 348 -4.73 4.89 2.68
N LEU D 349 -5.70 5.10 1.78
CA LEU D 349 -6.05 6.42 1.29
C LEU D 349 -7.55 6.43 1.04
N LYS D 350 -8.27 7.27 1.79
CA LYS D 350 -9.73 7.25 1.74
C LYS D 350 -10.27 8.54 1.13
N ILE D 351 -11.47 8.43 0.55
CA ILE D 351 -12.16 9.55 -0.07
C ILE D 351 -13.51 9.73 0.63
N TRP D 352 -13.77 10.95 1.08
CA TRP D 352 -14.98 11.29 1.82
C TRP D 352 -15.79 12.34 1.06
N ASN D 353 -17.11 12.25 1.22
CA ASN D 353 -18.08 13.13 0.59
C ASN D 353 -19.35 13.05 1.43
N ILE E 9 26.08 41.09 14.29
CA ILE E 9 26.35 42.50 13.99
C ILE E 9 25.64 42.89 12.71
N ALA E 10 26.12 42.38 11.58
CA ALA E 10 25.48 42.62 10.29
C ALA E 10 24.09 42.00 10.24
N GLN E 11 23.95 40.79 10.80
CA GLN E 11 22.66 40.11 10.85
C GLN E 11 21.65 40.91 11.68
N ALA E 12 22.10 41.50 12.78
CA ALA E 12 21.24 42.36 13.58
C ALA E 12 20.80 43.60 12.80
N ARG E 13 21.72 44.17 12.01
CA ARG E 13 21.38 45.33 11.17
C ARG E 13 20.34 44.96 10.12
N LYS E 14 20.50 43.78 9.49
CA LYS E 14 19.50 43.31 8.54
C LYS E 14 18.15 43.05 9.21
N LEU E 15 18.18 42.53 10.44
CA LEU E 15 16.95 42.31 11.20
C LEU E 15 16.24 43.63 11.50
N VAL E 16 17.00 44.67 11.88
CA VAL E 16 16.44 46.00 12.13
C VAL E 16 15.86 46.58 10.85
N GLU E 17 16.55 46.40 9.72
CA GLU E 17 16.04 46.85 8.42
C GLU E 17 14.74 46.14 8.05
N GLN E 18 14.68 44.82 8.30
CA GLN E 18 13.47 44.05 8.04
C GLN E 18 12.31 44.53 8.92
N LEU E 19 12.60 44.86 10.19
CA LEU E 19 11.58 45.43 11.07
C LEU E 19 11.10 46.79 10.57
N LYS E 20 12.02 47.62 10.05
CA LYS E 20 11.62 48.90 9.48
C LYS E 20 10.71 48.73 8.26
N MET E 21 11.06 47.79 7.37
CA MET E 21 10.22 47.53 6.20
C MET E 21 8.86 46.96 6.60
N GLU E 22 8.83 46.09 7.62
CA GLU E 22 7.57 45.57 8.13
C GLU E 22 6.71 46.66 8.75
N ALA E 23 7.33 47.60 9.48
CA ALA E 23 6.61 48.72 10.06
C ALA E 23 6.06 49.67 9.00
N ASN E 24 6.78 49.81 7.87
CA ASN E 24 6.36 50.70 6.80
C ASN E 24 5.03 50.27 6.18
N ILE E 25 4.78 48.95 6.13
CA ILE E 25 3.55 48.40 5.54
C ILE E 25 2.31 48.89 6.29
N ASP E 26 1.29 49.29 5.54
CA ASP E 26 0.02 49.72 6.11
C ASP E 26 -0.84 48.50 6.40
N ARG E 27 -1.58 48.56 7.51
CA ARG E 27 -2.45 47.46 7.93
C ARG E 27 -3.89 47.95 8.06
N ILE E 28 -4.77 47.38 7.23
CA ILE E 28 -6.21 47.63 7.30
C ILE E 28 -6.75 47.06 8.60
N LYS E 29 -7.82 47.68 9.12
CA LYS E 29 -8.47 47.24 10.35
C LYS E 29 -9.06 45.84 10.22
N VAL E 30 -9.17 45.17 11.38
CA VAL E 30 -9.64 43.79 11.45
C VAL E 30 -11.09 43.67 11.01
N SER E 31 -11.93 44.64 11.39
CA SER E 31 -13.36 44.57 11.12
C SER E 31 -13.69 44.58 9.62
N LYS E 32 -12.92 45.35 8.84
CA LYS E 32 -13.20 45.41 7.39
C LYS E 32 -12.77 44.13 6.68
N ALA E 33 -11.67 43.52 7.14
CA ALA E 33 -11.25 42.24 6.57
C ALA E 33 -12.20 41.13 7.00
N ALA E 34 -12.74 41.23 8.21
CA ALA E 34 -13.76 40.29 8.68
C ALA E 34 -15.02 40.39 7.84
N ALA E 35 -15.47 41.61 7.55
CA ALA E 35 -16.61 41.83 6.66
C ALA E 35 -16.34 41.27 5.27
N ASP E 36 -15.13 41.48 4.74
CA ASP E 36 -14.76 40.96 3.43
C ASP E 36 -14.77 39.42 3.43
N LEU E 37 -14.27 38.81 4.50
CA LEU E 37 -14.24 37.35 4.62
C LEU E 37 -15.65 36.78 4.70
N MET E 38 -16.51 37.42 5.49
CA MET E 38 -17.90 36.97 5.61
C MET E 38 -18.66 37.13 4.29
N ALA E 39 -18.43 38.23 3.57
CA ALA E 39 -19.06 38.44 2.28
C ALA E 39 -18.60 37.41 1.25
N TYR E 40 -17.30 37.10 1.24
CA TYR E 40 -16.77 36.09 0.33
C TYR E 40 -17.33 34.71 0.65
N CYS E 41 -17.44 34.37 1.95
CA CYS E 41 -18.04 33.10 2.34
C CYS E 41 -19.51 33.02 1.96
N GLU E 42 -20.24 34.13 2.14
CA GLU E 42 -21.67 34.17 1.79
C GLU E 42 -21.88 34.04 0.28
N ALA E 43 -21.02 34.68 -0.52
CA ALA E 43 -21.19 34.69 -1.97
C ALA E 43 -21.05 33.30 -2.59
N HIS E 44 -20.09 32.51 -2.11
CA HIS E 44 -19.81 31.20 -2.67
C HIS E 44 -20.38 30.06 -1.82
N ALA E 45 -21.29 30.37 -0.89
CA ALA E 45 -21.87 29.35 -0.02
C ALA E 45 -22.70 28.34 -0.80
N LYS E 46 -23.51 28.82 -1.76
CA LYS E 46 -24.37 27.95 -2.55
C LYS E 46 -23.57 27.00 -3.44
N GLU E 47 -22.45 27.48 -4.00
CA GLU E 47 -21.64 26.68 -4.92
C GLU E 47 -21.02 25.47 -4.23
N ASP E 48 -20.64 25.62 -2.96
CA ASP E 48 -19.93 24.64 -2.12
C ASP E 48 -20.73 23.35 -1.98
N PRO E 49 -20.26 22.25 -2.59
CA PRO E 49 -20.97 20.97 -2.43
C PRO E 49 -20.78 20.32 -1.07
N LEU E 50 -19.64 20.52 -0.42
CA LEU E 50 -19.37 19.90 0.87
C LEU E 50 -20.32 20.42 1.96
N LEU E 51 -20.44 21.75 2.07
CA LEU E 51 -21.32 22.40 3.05
C LEU E 51 -22.75 21.89 3.03
N THR E 52 -23.40 21.91 1.86
CA THR E 52 -24.76 21.41 1.75
C THR E 52 -24.76 20.12 0.94
N PRO E 53 -25.13 18.96 1.57
CA PRO E 53 -25.15 17.65 0.89
C PRO E 53 -25.82 17.57 -0.47
N VAL E 54 -25.02 17.28 -1.50
CA VAL E 54 -25.43 17.29 -2.89
C VAL E 54 -26.35 16.11 -3.14
N PRO E 55 -27.33 16.22 -4.05
CA PRO E 55 -28.06 15.02 -4.49
C PRO E 55 -27.15 14.02 -5.20
N ALA E 56 -27.50 12.73 -5.07
CA ALA E 56 -26.69 11.65 -5.59
C ALA E 56 -26.63 11.60 -7.11
N SER E 57 -27.53 12.29 -7.81
CA SER E 57 -27.48 12.32 -9.27
C SER E 57 -26.32 13.20 -9.75
N GLU E 58 -26.17 14.38 -9.15
CA GLU E 58 -25.04 15.25 -9.46
C GLU E 58 -23.72 14.64 -9.02
N ASN E 59 -23.70 14.05 -7.81
CA ASN E 59 -22.54 13.49 -7.12
C ASN E 59 -21.92 12.36 -7.95
N PRO E 60 -20.75 12.57 -8.54
CA PRO E 60 -20.14 11.54 -9.39
C PRO E 60 -19.43 10.43 -8.62
N PHE E 61 -19.44 10.48 -7.29
CA PHE E 61 -18.82 9.45 -6.44
C PHE E 61 -19.94 8.62 -5.84
N ARG E 62 -20.24 7.49 -6.48
CA ARG E 62 -21.33 6.63 -6.03
C ARG E 62 -20.87 5.18 -5.87
N GLU E 63 -21.81 4.28 -5.61
CA GLU E 63 -21.48 2.87 -5.46
C GLU E 63 -21.21 2.24 -6.82
N LYS E 64 -19.94 2.21 -7.23
CA LYS E 64 -19.56 1.69 -8.53
C LYS E 64 -18.77 0.40 -8.36
N VAL F 2 10.66 5.60 -31.84
CA VAL F 2 9.48 4.75 -32.00
C VAL F 2 9.46 4.18 -33.41
N GLN F 3 9.83 2.90 -33.55
CA GLN F 3 9.86 2.23 -34.83
C GLN F 3 9.14 0.88 -34.74
N LEU F 4 8.37 0.56 -35.78
CA LEU F 4 7.76 -0.75 -35.95
C LEU F 4 8.08 -1.23 -37.35
N VAL F 5 8.69 -2.42 -37.45
CA VAL F 5 9.12 -2.96 -38.74
C VAL F 5 8.45 -4.31 -38.94
N GLU F 6 7.60 -4.41 -39.96
CA GLU F 6 6.91 -5.64 -40.30
C GLU F 6 7.74 -6.46 -41.29
N SER F 7 7.70 -7.78 -41.13
CA SER F 7 8.40 -8.67 -42.03
C SER F 7 7.68 -10.02 -42.06
N GLY F 8 8.14 -10.89 -42.94
CA GLY F 8 7.52 -12.19 -43.11
C GLY F 8 6.36 -12.22 -44.07
N GLY F 9 6.31 -11.31 -45.04
CA GLY F 9 5.23 -11.29 -46.01
C GLY F 9 5.70 -11.56 -47.42
N GLY F 10 5.08 -12.52 -48.10
CA GLY F 10 5.46 -12.85 -49.46
C GLY F 10 4.32 -13.53 -50.20
N LEU F 11 4.44 -13.54 -51.52
CA LEU F 11 3.43 -14.16 -52.37
C LEU F 11 3.43 -15.68 -52.16
N VAL F 12 2.23 -16.25 -52.02
CA VAL F 12 2.05 -17.67 -51.76
C VAL F 12 0.87 -18.23 -52.54
N GLN F 13 0.91 -19.55 -52.74
CA GLN F 13 -0.15 -20.36 -53.32
C GLN F 13 -1.19 -20.64 -52.23
N PRO F 14 -2.48 -20.74 -52.60
CA PRO F 14 -3.52 -20.99 -51.58
C PRO F 14 -3.34 -22.30 -50.83
N GLY F 15 -3.62 -22.25 -49.53
CA GLY F 15 -3.40 -23.36 -48.62
C GLY F 15 -2.08 -23.34 -47.89
N GLY F 16 -1.23 -22.34 -48.15
CA GLY F 16 0.03 -22.22 -47.43
C GLY F 16 -0.14 -21.62 -46.05
N SER F 17 0.90 -21.77 -45.23
CA SER F 17 0.94 -21.24 -43.88
C SER F 17 2.14 -20.31 -43.74
N ARG F 18 1.92 -19.12 -43.19
CA ARG F 18 3.01 -18.15 -43.06
C ARG F 18 2.94 -17.43 -41.72
N LYS F 19 4.10 -16.94 -41.27
CA LYS F 19 4.24 -16.23 -40.00
C LYS F 19 4.72 -14.80 -40.26
N LEU F 20 4.01 -13.85 -39.66
CA LEU F 20 4.33 -12.43 -39.70
C LEU F 20 5.07 -12.04 -38.43
N SER F 21 6.11 -11.21 -38.58
CA SER F 21 6.92 -10.80 -37.46
C SER F 21 6.98 -9.28 -37.42
N CYS F 22 6.67 -8.71 -36.26
CA CYS F 22 6.70 -7.27 -36.05
C CYS F 22 7.80 -6.99 -35.03
N SER F 23 8.74 -6.13 -35.40
CA SER F 23 9.90 -5.78 -34.57
C SER F 23 9.76 -4.34 -34.09
N ALA F 24 9.43 -4.20 -32.81
CA ALA F 24 9.28 -2.91 -32.15
C ALA F 24 10.62 -2.46 -31.57
N SER F 25 11.01 -1.23 -31.85
CA SER F 25 12.25 -0.68 -31.31
C SER F 25 12.06 0.76 -30.91
N GLY F 26 12.86 1.20 -29.93
CA GLY F 26 12.84 2.57 -29.46
C GLY F 26 11.76 2.93 -28.49
N PHE F 27 10.94 1.96 -28.04
CA PHE F 27 9.86 2.24 -27.11
C PHE F 27 9.54 0.99 -26.31
N ALA F 28 8.73 1.16 -25.26
CA ALA F 28 8.38 0.10 -24.32
C ALA F 28 7.24 -0.76 -24.87
N PHE F 29 7.62 -1.79 -25.62
CA PHE F 29 6.66 -2.72 -26.22
C PHE F 29 5.98 -3.61 -25.19
N SER F 30 6.53 -3.71 -23.98
CA SER F 30 5.99 -4.63 -22.97
C SER F 30 4.61 -4.22 -22.48
N SER F 31 4.35 -2.92 -22.36
CA SER F 31 3.11 -2.42 -21.77
C SER F 31 2.09 -1.96 -22.81
N PHE F 32 2.31 -2.26 -24.09
CA PHE F 32 1.46 -1.79 -25.16
C PHE F 32 0.68 -2.94 -25.77
N GLY F 33 -0.65 -2.79 -25.84
CA GLY F 33 -1.45 -3.74 -26.59
C GLY F 33 -1.25 -3.57 -28.08
N MET F 34 -1.32 -4.67 -28.81
CA MET F 34 -0.97 -4.65 -30.22
C MET F 34 -2.11 -5.15 -31.09
N HIS F 35 -2.25 -4.51 -32.26
CA HIS F 35 -3.26 -4.83 -33.26
C HIS F 35 -2.60 -5.26 -34.56
N TRP F 36 -3.37 -6.02 -35.34
CA TRP F 36 -3.10 -6.27 -36.75
C TRP F 36 -4.33 -5.80 -37.52
N VAL F 37 -4.10 -4.95 -38.52
CA VAL F 37 -5.16 -4.34 -39.33
C VAL F 37 -4.82 -4.53 -40.80
N ARG F 38 -5.79 -4.97 -41.61
CA ARG F 38 -5.55 -5.24 -43.02
C ARG F 38 -6.24 -4.22 -43.90
N GLN F 39 -5.58 -3.87 -45.01
CA GLN F 39 -6.13 -2.96 -46.01
C GLN F 39 -6.17 -3.64 -47.36
N ALA F 40 -7.35 -3.72 -47.97
CA ALA F 40 -7.48 -4.24 -49.31
C ALA F 40 -7.03 -3.18 -50.32
N PRO F 41 -6.63 -3.58 -51.53
CA PRO F 41 -6.23 -2.56 -52.54
C PRO F 41 -7.35 -1.63 -52.98
N GLU F 42 -8.57 -2.12 -53.11
CA GLU F 42 -9.68 -1.30 -53.56
C GLU F 42 -10.74 -1.08 -52.48
N LYS F 43 -10.45 -1.46 -51.23
CA LYS F 43 -11.39 -1.30 -50.14
C LYS F 43 -10.65 -0.63 -48.97
N GLY F 44 -11.39 -0.26 -47.94
CA GLY F 44 -10.83 0.40 -46.78
C GLY F 44 -10.13 -0.54 -45.82
N LEU F 45 -9.54 0.07 -44.79
CA LEU F 45 -8.79 -0.66 -43.77
C LEU F 45 -9.75 -1.52 -42.95
N GLU F 46 -9.35 -2.76 -42.68
CA GLU F 46 -10.16 -3.68 -41.87
C GLU F 46 -9.33 -4.24 -40.74
N TRP F 47 -9.85 -4.14 -39.51
CA TRP F 47 -9.20 -4.70 -38.33
C TRP F 47 -9.21 -6.22 -38.37
N VAL F 48 -8.10 -6.83 -37.96
CA VAL F 48 -7.97 -8.29 -37.94
C VAL F 48 -7.93 -8.83 -36.50
N ALA F 49 -6.98 -8.34 -35.69
CA ALA F 49 -6.80 -8.96 -34.37
C ALA F 49 -6.17 -7.99 -33.40
N TYR F 50 -6.25 -8.35 -32.11
CA TYR F 50 -5.69 -7.57 -31.01
C TYR F 50 -5.31 -8.47 -29.85
N ILE F 51 -4.15 -8.18 -29.24
CA ILE F 51 -3.69 -8.85 -28.04
C ILE F 51 -3.33 -7.79 -27.00
N SER F 52 -3.82 -7.97 -25.78
CA SER F 52 -3.60 -7.01 -24.71
C SER F 52 -2.23 -7.23 -24.07
N SER F 53 -1.85 -6.29 -23.21
CA SER F 53 -0.58 -6.39 -22.49
C SER F 53 -0.61 -7.55 -21.50
N GLY F 54 0.39 -8.40 -21.57
CA GLY F 54 0.43 -9.59 -20.73
C GLY F 54 -0.36 -10.77 -21.26
N SER F 55 -0.97 -10.64 -22.44
CA SER F 55 -1.78 -11.67 -23.10
C SER F 55 -2.97 -12.12 -22.25
N GLY F 56 -3.52 -11.20 -21.47
CA GLY F 56 -4.69 -11.52 -20.65
C GLY F 56 -5.94 -11.74 -21.48
N THR F 57 -6.18 -10.82 -22.43
CA THR F 57 -7.36 -10.87 -23.30
C THR F 57 -6.89 -10.81 -24.74
N ILE F 58 -7.42 -11.70 -25.59
CA ILE F 58 -7.10 -11.75 -27.00
C ILE F 58 -8.41 -11.69 -27.78
N TYR F 59 -8.47 -10.83 -28.79
CA TYR F 59 -9.65 -10.71 -29.63
C TYR F 59 -9.29 -10.86 -31.10
N TYR F 60 -10.24 -11.41 -31.87
CA TYR F 60 -10.05 -11.68 -33.29
C TYR F 60 -11.29 -11.22 -34.04
N ALA F 61 -11.12 -10.97 -35.34
CA ALA F 61 -12.25 -10.70 -36.20
C ALA F 61 -13.02 -12.00 -36.45
N ASP F 62 -14.33 -11.85 -36.68
CA ASP F 62 -15.23 -12.99 -36.83
C ASP F 62 -14.87 -13.85 -38.05
N THR F 63 -14.51 -13.21 -39.17
CA THR F 63 -14.19 -13.95 -40.39
C THR F 63 -12.91 -14.77 -40.24
N VAL F 64 -11.89 -14.22 -39.60
CA VAL F 64 -10.60 -14.87 -39.47
C VAL F 64 -10.44 -15.59 -38.14
N LYS F 65 -11.53 -15.73 -37.37
CA LYS F 65 -11.50 -16.35 -36.05
C LYS F 65 -11.06 -17.81 -36.13
N GLY F 66 -10.24 -18.23 -35.15
CA GLY F 66 -9.75 -19.59 -35.09
C GLY F 66 -8.53 -19.90 -35.93
N ARG F 67 -8.60 -19.64 -37.24
CA ARG F 67 -7.48 -19.98 -38.13
C ARG F 67 -6.25 -19.13 -37.87
N PHE F 68 -6.41 -17.83 -37.64
CA PHE F 68 -5.27 -16.95 -37.37
C PHE F 68 -4.98 -16.97 -35.87
N THR F 69 -3.72 -17.11 -35.49
CA THR F 69 -3.36 -17.05 -34.07
C THR F 69 -2.24 -16.06 -33.84
N ILE F 70 -2.37 -15.27 -32.77
CA ILE F 70 -1.45 -14.18 -32.47
C ILE F 70 -0.73 -14.47 -31.16
N SER F 71 0.59 -14.25 -31.14
CA SER F 71 1.41 -14.40 -29.96
C SER F 71 2.37 -13.22 -29.87
N ARG F 72 2.82 -12.92 -28.64
CA ARG F 72 3.77 -11.86 -28.42
C ARG F 72 4.91 -12.35 -27.52
N ASP F 73 6.13 -11.97 -27.87
CA ASP F 73 7.32 -12.26 -27.08
C ASP F 73 7.84 -10.94 -26.52
N ASP F 74 7.63 -10.74 -25.22
CA ASP F 74 8.04 -9.55 -24.48
C ASP F 74 9.56 -9.40 -24.29
N PRO F 75 10.36 -10.44 -23.96
CA PRO F 75 11.82 -10.18 -23.87
C PRO F 75 12.47 -9.85 -25.19
N LYS F 76 12.06 -10.47 -26.29
CA LYS F 76 12.62 -10.18 -27.60
C LYS F 76 11.89 -9.04 -28.31
N ASN F 77 10.81 -8.53 -27.72
CA ASN F 77 10.01 -7.41 -28.25
C ASN F 77 9.50 -7.69 -29.67
N THR F 78 8.96 -8.89 -29.88
CA THR F 78 8.56 -9.28 -31.22
C THR F 78 7.13 -9.83 -31.20
N LEU F 79 6.34 -9.45 -32.21
CA LEU F 79 4.96 -9.90 -32.34
C LEU F 79 4.86 -10.88 -33.49
N PHE F 80 4.27 -12.05 -33.24
CA PHE F 80 4.14 -13.10 -34.24
C PHE F 80 2.66 -13.33 -34.55
N LEU F 81 2.33 -13.35 -35.84
CA LEU F 81 0.99 -13.75 -36.28
C LEU F 81 1.13 -14.95 -37.20
N GLN F 82 0.47 -16.05 -36.87
CA GLN F 82 0.52 -17.27 -37.66
C GLN F 82 -0.79 -17.39 -38.43
N MET F 83 -0.68 -17.50 -39.75
CA MET F 83 -1.81 -17.59 -40.65
C MET F 83 -1.79 -18.93 -41.36
N THR F 84 -2.92 -19.63 -41.29
CA THR F 84 -3.11 -20.94 -41.92
C THR F 84 -4.38 -20.92 -42.73
N SER F 85 -4.45 -21.84 -43.70
CA SER F 85 -5.60 -22.03 -44.62
C SER F 85 -5.97 -20.74 -45.35
N LEU F 86 -4.96 -20.11 -45.94
CA LEU F 86 -5.14 -18.88 -46.69
C LEU F 86 -6.03 -19.08 -47.90
N ARG F 87 -6.85 -18.08 -48.20
CA ARG F 87 -7.80 -18.11 -49.30
C ARG F 87 -7.62 -16.88 -50.17
N SER F 88 -8.50 -16.76 -51.17
CA SER F 88 -8.42 -15.66 -52.14
C SER F 88 -8.65 -14.31 -51.48
N GLU F 89 -9.54 -14.25 -50.47
CA GLU F 89 -9.91 -12.99 -49.83
C GLU F 89 -8.74 -12.36 -49.08
N ASP F 90 -7.79 -13.18 -48.59
CA ASP F 90 -6.68 -12.67 -47.78
C ASP F 90 -5.51 -12.24 -48.67
N THR F 91 -5.72 -11.12 -49.38
CA THR F 91 -4.68 -10.47 -50.20
C THR F 91 -4.68 -8.98 -49.83
N ALA F 92 -3.98 -8.65 -48.76
CA ALA F 92 -4.07 -7.30 -48.21
C ALA F 92 -2.72 -6.80 -47.69
N MET F 93 -2.70 -5.53 -47.32
CA MET F 93 -1.53 -4.89 -46.73
C MET F 93 -1.75 -4.82 -45.23
N TYR F 94 -0.86 -5.46 -44.49
CA TYR F 94 -0.97 -5.67 -43.05
C TYR F 94 -0.21 -4.60 -42.27
N TYR F 95 -0.88 -4.02 -41.27
CA TYR F 95 -0.30 -3.05 -40.37
C TYR F 95 -0.22 -3.61 -38.96
N CYS F 96 0.93 -3.41 -38.32
CA CYS F 96 1.17 -3.72 -36.92
C CYS F 96 0.99 -2.41 -36.17
N VAL F 97 0.13 -2.39 -35.15
CA VAL F 97 -0.28 -1.14 -34.51
C VAL F 97 -0.12 -1.24 -32.99
N ARG F 98 0.52 -0.24 -32.39
CA ARG F 98 0.67 -0.15 -30.94
C ARG F 98 -0.40 0.78 -30.37
N SER F 99 -1.08 0.31 -29.33
CA SER F 99 -2.09 1.09 -28.62
C SER F 99 -2.02 0.81 -27.13
N ILE F 100 -2.05 1.85 -26.31
CA ILE F 100 -2.11 1.73 -24.85
C ILE F 100 -3.41 2.35 -24.37
N TYR F 101 -4.12 1.64 -23.49
CA TYR F 101 -5.40 2.10 -22.99
C TYR F 101 -5.30 2.42 -21.50
N TYR F 102 -5.50 3.70 -21.18
CA TYR F 102 -5.69 4.21 -19.83
C TYR F 102 -6.30 5.60 -19.98
N TYR F 103 -6.75 6.17 -18.87
CA TYR F 103 -7.43 7.47 -18.91
C TYR F 103 -6.48 8.58 -19.36
N GLY F 104 -6.90 9.32 -20.39
CA GLY F 104 -6.13 10.40 -20.95
C GLY F 104 -5.10 9.97 -21.98
N SER F 105 -4.98 8.68 -22.27
CA SER F 105 -4.04 8.20 -23.26
C SER F 105 -4.58 8.42 -24.67
N SER F 106 -3.66 8.46 -25.63
CA SER F 106 -4.04 8.52 -27.03
C SER F 106 -3.64 7.22 -27.70
N PRO F 107 -4.57 6.29 -27.92
CA PRO F 107 -4.23 5.05 -28.63
C PRO F 107 -4.17 5.28 -30.13
N PHE F 108 -3.54 4.32 -30.80
CA PHE F 108 -3.28 4.33 -32.26
C PHE F 108 -2.46 5.55 -32.67
N ASP F 109 -1.59 6.02 -31.77
CA ASP F 109 -0.75 7.18 -32.06
C ASP F 109 0.28 6.89 -33.16
N PHE F 110 0.89 5.71 -33.12
CA PHE F 110 1.91 5.33 -34.09
C PHE F 110 1.42 4.14 -34.90
N TRP F 111 1.53 4.25 -36.22
CA TRP F 111 1.12 3.20 -37.15
C TRP F 111 2.34 2.66 -37.87
N GLY F 112 2.41 1.34 -38.01
CA GLY F 112 3.54 0.71 -38.66
C GLY F 112 3.55 0.92 -40.16
N GLN F 113 4.70 0.60 -40.77
CA GLN F 113 4.88 0.74 -42.21
C GLN F 113 3.98 -0.21 -42.99
N GLY F 114 3.88 -1.45 -42.55
CA GLY F 114 3.02 -2.43 -43.19
C GLY F 114 3.69 -3.30 -44.23
N THR F 115 3.34 -4.58 -44.24
CA THR F 115 3.83 -5.56 -45.21
C THR F 115 2.70 -5.92 -46.15
N THR F 116 3.02 -6.65 -47.22
CA THR F 116 2.03 -7.00 -48.23
C THR F 116 1.89 -8.51 -48.37
N LEU F 117 0.65 -9.00 -48.42
CA LEU F 117 0.36 -10.41 -48.67
C LEU F 117 -0.52 -10.52 -49.91
N THR F 118 -0.04 -11.26 -50.91
CA THR F 118 -0.75 -11.47 -52.16
C THR F 118 -0.86 -12.97 -52.38
N VAL F 119 -2.06 -13.44 -52.72
CA VAL F 119 -2.31 -14.86 -52.95
C VAL F 119 -2.64 -15.06 -54.43
N SER F 120 -1.96 -16.02 -55.06
CA SER F 120 -2.14 -16.33 -56.48
C SER F 120 -3.29 -17.32 -56.61
N ALA F 121 -4.51 -16.81 -56.46
CA ALA F 121 -5.71 -17.63 -56.57
C ALA F 121 -6.17 -17.73 -58.03
N GLY F 135 -21.35 -10.16 -39.29
CA GLY F 135 -21.84 -9.99 -37.94
C GLY F 135 -23.07 -9.11 -37.85
N SER F 136 -24.10 -9.62 -37.17
CA SER F 136 -25.32 -8.85 -36.98
C SER F 136 -25.16 -7.77 -35.92
N ALA F 137 -24.41 -8.07 -34.86
CA ALA F 137 -24.21 -7.13 -33.76
C ALA F 137 -23.19 -6.04 -34.08
N ASP F 138 -22.43 -6.19 -35.17
CA ASP F 138 -21.42 -5.21 -35.55
C ASP F 138 -22.07 -3.88 -35.95
N ILE F 139 -21.47 -2.78 -35.51
CA ILE F 139 -21.94 -1.46 -35.88
C ILE F 139 -21.51 -1.18 -37.32
N VAL F 140 -22.48 -0.95 -38.20
CA VAL F 140 -22.20 -0.66 -39.60
C VAL F 140 -21.93 0.84 -39.70
N MET F 141 -20.64 1.21 -39.67
CA MET F 141 -20.25 2.61 -39.80
C MET F 141 -20.29 2.99 -41.28
N THR F 142 -21.06 4.04 -41.59
CA THR F 142 -21.31 4.44 -42.97
C THR F 142 -20.89 5.89 -43.18
N GLN F 143 -20.08 6.13 -44.21
CA GLN F 143 -19.76 7.46 -44.67
C GLN F 143 -20.56 7.76 -45.94
N ALA F 144 -21.28 8.89 -45.93
CA ALA F 144 -22.19 9.22 -47.01
C ALA F 144 -21.50 9.66 -48.30
N THR F 145 -20.19 9.86 -48.29
CA THR F 145 -19.47 10.40 -49.44
C THR F 145 -18.21 9.56 -49.66
N SER F 146 -17.86 9.35 -50.93
CA SER F 146 -16.63 8.66 -51.28
C SER F 146 -15.48 9.59 -51.65
N SER F 147 -15.78 10.79 -52.16
CA SER F 147 -14.73 11.71 -52.58
C SER F 147 -15.27 13.13 -52.55
N VAL F 148 -14.43 14.07 -52.10
CA VAL F 148 -14.76 15.49 -52.10
C VAL F 148 -13.68 16.26 -52.85
N PRO F 149 -13.94 16.74 -54.06
CA PRO F 149 -12.94 17.58 -54.75
C PRO F 149 -12.99 19.01 -54.26
N VAL F 150 -11.85 19.52 -53.81
CA VAL F 150 -11.71 20.87 -53.26
C VAL F 150 -10.40 21.46 -53.72
N THR F 151 -10.15 22.71 -53.30
CA THR F 151 -8.99 23.51 -53.62
C THR F 151 -8.32 23.94 -52.32
N PRO F 152 -6.99 24.12 -52.31
CA PRO F 152 -6.31 24.53 -51.07
C PRO F 152 -6.69 25.94 -50.65
N GLY F 153 -6.94 26.10 -49.35
CA GLY F 153 -7.23 27.40 -48.75
C GLY F 153 -8.60 27.46 -48.09
N GLU F 154 -9.58 26.75 -48.62
CA GLU F 154 -10.95 26.82 -48.14
C GLU F 154 -11.28 25.65 -47.22
N SER F 155 -12.19 25.89 -46.28
CA SER F 155 -12.59 24.89 -45.31
C SER F 155 -13.43 23.80 -45.96
N VAL F 156 -13.39 22.61 -45.39
CA VAL F 156 -14.16 21.47 -45.89
C VAL F 156 -14.69 20.68 -44.70
N SER F 157 -15.91 20.16 -44.82
CA SER F 157 -16.50 19.31 -43.78
C SER F 157 -16.84 17.96 -44.39
N ILE F 158 -16.41 16.90 -43.70
CA ILE F 158 -16.67 15.52 -44.11
C ILE F 158 -17.36 14.80 -42.96
N SER F 159 -18.49 14.16 -43.27
CA SER F 159 -19.39 13.63 -42.25
C SER F 159 -19.39 12.10 -42.25
N CYS F 160 -19.45 11.55 -41.04
CA CYS F 160 -19.52 10.12 -40.80
C CYS F 160 -20.76 9.84 -39.95
N ARG F 161 -21.32 8.66 -40.14
CA ARG F 161 -22.59 8.30 -39.51
C ARG F 161 -22.49 6.87 -38.99
N SER F 162 -23.25 6.59 -37.92
CA SER F 162 -23.19 5.32 -37.23
C SER F 162 -24.59 4.72 -37.13
N SER F 163 -24.64 3.39 -37.21
CA SER F 163 -25.89 2.64 -37.03
C SER F 163 -26.17 2.32 -35.58
N LYS F 164 -25.41 2.88 -34.64
CA LYS F 164 -25.65 2.70 -33.22
C LYS F 164 -25.03 3.90 -32.50
N SER F 165 -25.67 4.30 -31.39
CA SER F 165 -25.19 5.43 -30.61
C SER F 165 -23.87 5.09 -29.91
N LEU F 166 -22.83 5.85 -30.25
CA LEU F 166 -21.51 5.63 -29.67
C LEU F 166 -21.32 6.32 -28.32
N LEU F 167 -22.21 7.23 -27.95
CA LEU F 167 -22.12 7.98 -26.70
C LEU F 167 -22.37 7.03 -25.53
N HIS F 168 -21.29 6.59 -24.88
CA HIS F 168 -21.36 5.69 -23.74
C HIS F 168 -21.94 6.44 -22.53
N SER F 169 -22.23 5.68 -21.47
CA SER F 169 -22.77 6.25 -20.23
C SER F 169 -21.79 7.21 -19.57
N ASN F 170 -20.49 6.90 -19.60
CA ASN F 170 -19.48 7.72 -18.94
C ASN F 170 -19.24 9.07 -19.62
N GLY F 171 -19.83 9.31 -20.79
CA GLY F 171 -19.70 10.58 -21.48
C GLY F 171 -18.74 10.59 -22.65
N ASN F 172 -17.98 9.52 -22.85
CA ASN F 172 -17.06 9.45 -23.98
C ASN F 172 -17.78 8.97 -25.23
N THR F 173 -17.38 9.52 -26.38
CA THR F 173 -17.92 9.15 -27.68
C THR F 173 -16.78 8.57 -28.51
N TYR F 174 -16.72 7.23 -28.59
CA TYR F 174 -15.59 6.51 -29.17
C TYR F 174 -15.61 6.63 -30.69
N LEU F 175 -15.07 7.74 -31.19
CA LEU F 175 -14.90 7.95 -32.62
C LEU F 175 -13.49 8.45 -32.88
N TYR F 176 -12.77 7.78 -33.77
CA TYR F 176 -11.38 8.13 -34.07
C TYR F 176 -11.28 8.51 -35.55
N TRP F 177 -10.54 9.58 -35.84
CA TRP F 177 -10.37 10.08 -37.20
C TRP F 177 -8.96 9.78 -37.68
N PHE F 178 -8.85 9.16 -38.87
CA PHE F 178 -7.56 8.85 -39.46
C PHE F 178 -7.42 9.46 -40.85
N LEU F 179 -6.18 9.85 -41.16
CA LEU F 179 -5.77 10.33 -42.48
C LEU F 179 -4.74 9.37 -43.05
N GLN F 180 -4.96 8.95 -44.30
CA GLN F 180 -4.02 8.11 -45.03
C GLN F 180 -3.67 8.80 -46.34
N ARG F 181 -2.54 9.50 -46.36
CA ARG F 181 -2.00 10.00 -47.62
C ARG F 181 -1.56 8.84 -48.51
N PRO F 182 -1.64 9.00 -49.84
CA PRO F 182 -1.28 7.89 -50.75
C PRO F 182 0.18 7.50 -50.62
N GLY F 183 0.41 6.19 -50.49
CA GLY F 183 1.73 5.65 -50.24
C GLY F 183 2.30 6.01 -48.89
N GLN F 184 1.45 6.04 -47.86
CA GLN F 184 1.87 6.35 -46.50
C GLN F 184 1.04 5.53 -45.53
N SER F 185 1.52 5.45 -44.29
CA SER F 185 0.78 4.86 -43.19
C SER F 185 -0.32 5.80 -42.71
N PRO F 186 -1.40 5.27 -42.13
CA PRO F 186 -2.41 6.14 -41.52
C PRO F 186 -1.87 6.89 -40.32
N GLN F 187 -2.47 8.05 -40.05
CA GLN F 187 -2.08 8.88 -38.91
C GLN F 187 -3.31 9.26 -38.11
N LEU F 188 -3.19 9.17 -36.79
CA LEU F 188 -4.27 9.61 -35.90
C LEU F 188 -4.39 11.13 -35.92
N LEU F 189 -5.60 11.63 -36.15
CA LEU F 189 -5.87 13.05 -36.08
C LEU F 189 -6.59 13.45 -34.78
N ILE F 190 -7.77 12.88 -34.54
CA ILE F 190 -8.57 13.19 -33.37
C ILE F 190 -9.06 11.88 -32.76
N TYR F 191 -8.85 11.71 -31.45
CA TYR F 191 -9.32 10.55 -30.72
C TYR F 191 -10.48 10.95 -29.82
N ARG F 192 -11.49 10.05 -29.73
CA ARG F 192 -12.74 10.23 -28.98
C ARG F 192 -13.52 11.46 -29.44
N MET F 193 -13.34 11.83 -30.72
CA MET F 193 -13.99 12.92 -31.47
C MET F 193 -14.00 14.28 -30.75
N SER F 194 -13.10 14.49 -29.79
CA SER F 194 -12.97 15.77 -29.11
C SER F 194 -11.53 16.25 -29.11
N ASN F 195 -10.64 15.45 -28.50
CA ASN F 195 -9.28 15.86 -28.23
C ASN F 195 -8.41 15.72 -29.47
N LEU F 196 -7.73 16.82 -29.82
CA LEU F 196 -6.74 16.78 -30.89
C LEU F 196 -5.51 15.97 -30.45
N ALA F 197 -5.03 15.09 -31.32
CA ALA F 197 -3.87 14.28 -31.00
C ALA F 197 -2.59 15.09 -31.17
N SER F 198 -1.51 14.57 -30.56
CA SER F 198 -0.22 15.24 -30.62
C SER F 198 0.40 15.11 -32.01
N GLY F 199 1.18 16.12 -32.38
CA GLY F 199 1.79 16.16 -33.70
C GLY F 199 0.86 16.53 -34.82
N VAL F 200 -0.36 16.96 -34.51
CA VAL F 200 -1.37 17.30 -35.52
C VAL F 200 -1.69 18.78 -35.35
N PRO F 201 -1.73 19.57 -36.42
CA PRO F 201 -2.05 21.00 -36.30
C PRO F 201 -3.49 21.24 -35.84
N ASP F 202 -3.71 22.46 -35.35
CA ASP F 202 -4.98 22.87 -34.75
C ASP F 202 -6.07 23.08 -35.81
N ARG F 203 -5.72 23.03 -37.10
CA ARG F 203 -6.67 23.19 -38.20
C ARG F 203 -7.79 22.14 -38.13
N PHE F 204 -7.43 20.88 -37.97
CA PHE F 204 -8.42 19.80 -37.90
C PHE F 204 -9.28 19.94 -36.64
N SER F 205 -10.55 19.55 -36.75
CA SER F 205 -11.44 19.59 -35.59
C SER F 205 -12.60 18.64 -35.78
N GLY F 206 -12.80 17.75 -34.81
CA GLY F 206 -13.95 16.86 -34.83
C GLY F 206 -15.11 17.39 -34.00
N SER F 207 -16.32 17.10 -34.47
CA SER F 207 -17.54 17.61 -33.85
C SER F 207 -18.67 16.69 -34.24
N GLY F 208 -19.78 16.78 -33.54
CA GLY F 208 -20.95 15.99 -33.88
C GLY F 208 -21.74 15.53 -32.68
N SER F 209 -22.99 15.13 -32.93
CA SER F 209 -23.90 14.69 -31.89
C SER F 209 -24.47 13.32 -32.26
N GLY F 210 -24.43 12.40 -31.29
CA GLY F 210 -25.01 11.07 -31.47
C GLY F 210 -24.40 10.33 -32.64
N THR F 211 -25.26 9.85 -33.53
CA THR F 211 -24.81 9.18 -34.74
C THR F 211 -24.09 10.16 -35.67
N ALA F 212 -24.56 11.41 -35.73
CA ALA F 212 -23.97 12.40 -36.62
C ALA F 212 -22.55 12.78 -36.18
N PHE F 213 -21.64 12.84 -37.14
CA PHE F 213 -20.25 13.18 -36.90
C PHE F 213 -19.74 14.02 -38.07
N THR F 214 -19.09 15.14 -37.78
CA THR F 214 -18.57 16.05 -38.81
C THR F 214 -17.14 16.43 -38.43
N LEU F 215 -16.18 16.02 -39.25
CA LEU F 215 -14.83 16.55 -39.19
C LEU F 215 -14.75 17.79 -40.05
N THR F 216 -14.11 18.84 -39.53
CA THR F 216 -13.92 20.09 -40.26
C THR F 216 -12.43 20.38 -40.40
N ILE F 217 -12.03 20.77 -41.60
CA ILE F 217 -10.65 21.11 -41.95
C ILE F 217 -10.69 22.52 -42.50
N SER F 218 -10.48 23.50 -41.63
CA SER F 218 -10.36 24.89 -42.06
C SER F 218 -8.98 25.15 -42.64
N ARG F 219 -8.93 25.98 -43.69
CA ARG F 219 -7.71 26.43 -44.36
C ARG F 219 -6.84 25.24 -44.81
N LEU F 220 -7.40 24.46 -45.73
CA LEU F 220 -6.76 23.25 -46.23
C LEU F 220 -5.47 23.57 -46.98
N GLU F 221 -4.48 22.69 -46.80
CA GLU F 221 -3.18 22.78 -47.44
C GLU F 221 -2.92 21.51 -48.25
N ALA F 222 -1.89 21.60 -49.11
CA ALA F 222 -1.51 20.52 -50.04
C ALA F 222 -1.31 19.16 -49.36
N GLU F 223 -0.81 19.13 -48.12
CA GLU F 223 -0.54 17.88 -47.43
C GLU F 223 -1.80 17.17 -46.94
N ASP F 224 -2.96 17.84 -46.94
CA ASP F 224 -4.19 17.26 -46.40
C ASP F 224 -4.82 16.21 -47.32
N VAL F 225 -4.30 16.02 -48.53
CA VAL F 225 -4.88 15.07 -49.47
C VAL F 225 -4.68 13.63 -48.97
N GLY F 226 -5.72 12.82 -49.07
CA GLY F 226 -5.68 11.47 -48.58
C GLY F 226 -7.06 10.97 -48.22
N VAL F 227 -7.13 9.68 -47.92
CA VAL F 227 -8.39 9.05 -47.54
C VAL F 227 -8.62 9.28 -46.05
N TYR F 228 -9.86 9.55 -45.66
CA TYR F 228 -10.24 9.76 -44.27
C TYR F 228 -11.11 8.61 -43.78
N TYR F 229 -10.70 8.01 -42.66
CA TYR F 229 -11.44 6.90 -42.06
C TYR F 229 -11.94 7.29 -40.67
N CYS F 230 -13.25 7.12 -40.45
CA CYS F 230 -13.81 7.19 -39.12
C CYS F 230 -13.88 5.78 -38.53
N MET F 231 -13.66 5.68 -37.21
CA MET F 231 -13.69 4.39 -36.54
C MET F 231 -14.51 4.50 -35.26
N GLN F 232 -15.23 3.43 -34.94
CA GLN F 232 -15.87 3.26 -33.64
C GLN F 232 -15.05 2.34 -32.75
N HIS F 233 -15.24 2.47 -31.44
CA HIS F 233 -14.56 1.60 -30.48
C HIS F 233 -15.53 1.14 -29.38
N LEU F 234 -16.83 1.21 -29.62
CA LEU F 234 -17.82 0.88 -28.58
C LEU F 234 -17.85 -0.62 -28.28
N GLU F 235 -17.71 -1.46 -29.30
CA GLU F 235 -17.78 -2.91 -29.12
C GLU F 235 -16.65 -3.58 -29.87
N TYR F 236 -16.31 -4.79 -29.41
CA TYR F 236 -15.03 -5.42 -29.74
C TYR F 236 -14.81 -5.72 -31.24
N PRO F 237 -15.82 -6.21 -32.05
CA PRO F 237 -15.57 -6.30 -33.50
C PRO F 237 -15.51 -4.93 -34.16
N LEU F 238 -14.36 -4.25 -34.04
CA LEU F 238 -14.15 -2.90 -34.57
C LEU F 238 -14.34 -2.82 -36.08
N THR F 239 -15.42 -2.17 -36.51
CA THR F 239 -15.71 -1.98 -37.92
C THR F 239 -15.29 -0.58 -38.32
N PHE F 240 -14.47 -0.46 -39.36
CA PHE F 240 -13.97 0.84 -39.78
C PHE F 240 -14.98 1.48 -40.72
N GLY F 241 -14.60 2.60 -41.34
CA GLY F 241 -15.43 3.26 -42.31
C GLY F 241 -14.94 3.00 -43.74
N ALA F 242 -15.82 3.31 -44.70
CA ALA F 242 -15.51 3.11 -46.11
C ALA F 242 -14.33 3.95 -46.56
N GLY F 243 -14.25 5.20 -46.11
CA GLY F 243 -13.15 6.06 -46.46
C GLY F 243 -13.49 7.14 -47.47
N THR F 244 -13.30 8.40 -47.08
CA THR F 244 -13.56 9.54 -47.97
C THR F 244 -12.23 9.99 -48.55
N LYS F 245 -11.98 9.62 -49.81
CA LYS F 245 -10.76 10.01 -50.51
C LYS F 245 -10.84 11.48 -50.87
N LEU F 246 -10.19 12.33 -50.07
CA LEU F 246 -10.14 13.76 -50.37
C LEU F 246 -9.17 14.00 -51.54
N GLU F 247 -9.54 14.90 -52.43
CA GLU F 247 -8.81 15.12 -53.67
C GLU F 247 -8.56 16.61 -53.88
N LEU F 248 -7.71 16.91 -54.85
CA LEU F 248 -7.46 18.28 -55.26
C LEU F 248 -8.14 18.58 -56.60
#